data_1J7E
#
_entry.id   1J7E
#
_cell.length_a   131.977
_cell.length_b   131.977
_cell.length_c   73.420
_cell.angle_alpha   90.00
_cell.angle_beta   90.00
_cell.angle_gamma   90.00
#
_symmetry.space_group_name_H-M   'P 43'
#
loop_
_entity.id
_entity.type
_entity.pdbx_description
1 polymer 'vitamin D binding protein'
2 non-polymer 3-(2-{4-[2-(5-HYDROXY-2-METHYLENE-CYCLOHEXYLIDENE)-ETHYLIDENE]-7A-METHYL-OCTAHYDRO-INDEN-1-YL}-PROPYL)-PHENOL
3 non-polymer 'OLEIC ACID'
4 water water
#
_entity_poly.entity_id   1
_entity_poly.type   'polypeptide(L)'
_entity_poly.pdbx_seq_one_letter_code
;LERGRDYEKNKVCKEFSHLGKEDFTSLSLVLYSRKFPSGTFEQVSQLVKEVVSLTEACCAEGADPDCYDTRTSALSAKSC
ESNSPFPVHPGTAECCTKEGLERKLCMAALKHQPQEFPTYVEPTNDEICEAFRKDPKEYANQFMWEYSTNYGQAPLSLLV
SYTKSYLSMVGSCCTSASPTVCFLKERLQLKHLSLLTTLSNRVCSQYAAYGEKKSRLSNLIKLAQKVPTADLEDVLPLAE
DITNILSKCCESASEDCMAKELPEHTVKLCDNLSTKNSKFEDCCQEKTAMDVFVCTYFMPAAQLPELPDVELPTNKDVCD
PGNTKVMDKYTFELSRRTHLPEVFLSKVLEPTLKSLGECCDVEDSTTCFNAKGPLLKKELSSFIDKGQELCADYSENTFT
EYKKKLAERLKAKLPDATPTELAKLVNKRSDFASNCCSINSPPLYCDSEIDAELKNIL
;
_entity_poly.pdbx_strand_id   A,B
#
loop_
_chem_comp.id
_chem_comp.type
_chem_comp.name
_chem_comp.formula
JY non-polymer 3-(2-{4-[2-(5-HYDROXY-2-METHYLENE-CYCLOHEXYLIDENE)-ETHYLIDENE]-7A-METHYL-OCTAHYDRO-INDEN-1-YL}-PROPYL)-PHENOL 'C28 H38 O2'
OLA non-polymer 'OLEIC ACID' 'C18 H34 O2'
#
# COMPACT_ATOMS: atom_id res chain seq x y z
N TYR A 7 24.52 -5.53 -45.07
CA TYR A 7 23.50 -6.58 -44.83
C TYR A 7 22.13 -5.99 -44.49
N GLU A 8 21.96 -5.57 -43.25
CA GLU A 8 20.69 -5.00 -42.80
C GLU A 8 20.33 -3.73 -43.55
N LYS A 9 21.33 -3.11 -44.18
CA LYS A 9 21.10 -1.90 -44.94
C LYS A 9 20.17 -2.26 -46.10
N ASN A 10 19.86 -3.55 -46.18
CA ASN A 10 18.97 -4.09 -47.20
C ASN A 10 17.96 -5.05 -46.55
N LYS A 11 18.06 -5.19 -45.23
CA LYS A 11 17.16 -6.06 -44.48
C LYS A 11 15.91 -5.28 -44.07
N VAL A 12 16.09 -3.97 -43.89
CA VAL A 12 14.98 -3.09 -43.51
C VAL A 12 14.07 -2.99 -44.72
N CYS A 13 14.70 -2.90 -45.89
CA CYS A 13 14.01 -2.79 -47.16
C CYS A 13 13.39 -4.09 -47.64
N LYS A 14 14.04 -5.21 -47.29
CA LYS A 14 13.57 -6.53 -47.67
C LYS A 14 12.26 -6.91 -46.97
N GLU A 15 12.18 -6.66 -45.66
CA GLU A 15 10.98 -6.98 -44.91
C GLU A 15 9.85 -6.01 -45.27
N PHE A 16 10.23 -4.83 -45.77
CA PHE A 16 9.25 -3.82 -46.15
C PHE A 16 8.49 -4.33 -47.37
N SER A 17 9.24 -4.66 -48.41
CA SER A 17 8.67 -5.15 -49.66
C SER A 17 7.95 -6.49 -49.50
N HIS A 18 8.51 -7.38 -48.69
CA HIS A 18 7.91 -8.70 -48.47
C HIS A 18 6.58 -8.63 -47.72
N LEU A 19 6.44 -7.64 -46.86
CA LEU A 19 5.23 -7.50 -46.07
C LEU A 19 4.28 -6.41 -46.56
N GLY A 20 4.83 -5.35 -47.15
CA GLY A 20 4.00 -4.26 -47.62
C GLY A 20 3.92 -3.21 -46.53
N LYS A 21 3.63 -1.97 -46.91
CA LYS A 21 3.57 -0.87 -45.95
C LYS A 21 2.68 -1.08 -44.72
N GLU A 22 1.48 -1.62 -44.92
CA GLU A 22 0.56 -1.81 -43.80
C GLU A 22 1.08 -2.81 -42.76
N ASP A 23 1.40 -4.02 -43.19
CA ASP A 23 1.90 -5.03 -42.26
C ASP A 23 3.27 -4.63 -41.70
N PHE A 24 4.04 -3.89 -42.50
CA PHE A 24 5.35 -3.44 -42.06
C PHE A 24 5.13 -2.33 -41.04
N THR A 25 3.94 -1.73 -41.06
CA THR A 25 3.62 -0.67 -40.11
C THR A 25 3.16 -1.30 -38.80
N SER A 26 2.55 -2.48 -38.90
CA SER A 26 2.08 -3.19 -37.72
C SER A 26 3.26 -3.75 -36.94
N LEU A 27 4.31 -4.13 -37.67
CA LEU A 27 5.52 -4.66 -37.08
C LEU A 27 6.23 -3.53 -36.36
N SER A 28 6.35 -2.40 -37.06
CA SER A 28 7.01 -1.22 -36.51
C SER A 28 6.28 -0.71 -35.28
N LEU A 29 4.97 -0.86 -35.26
CA LEU A 29 4.19 -0.39 -34.12
C LEU A 29 4.57 -1.21 -32.89
N VAL A 30 4.68 -2.52 -33.07
CA VAL A 30 5.07 -3.41 -31.99
C VAL A 30 6.50 -3.11 -31.62
N LEU A 31 7.35 -3.03 -32.63
CA LEU A 31 8.77 -2.79 -32.42
C LEU A 31 9.06 -1.54 -31.58
N TYR A 32 8.40 -0.44 -31.89
CA TYR A 32 8.65 0.79 -31.15
C TYR A 32 7.94 0.87 -29.79
N SER A 33 6.80 0.21 -29.66
CA SER A 33 6.09 0.23 -28.38
C SER A 33 7.00 -0.43 -27.33
N ARG A 34 7.75 -1.45 -27.76
CA ARG A 34 8.68 -2.16 -26.87
C ARG A 34 9.79 -1.23 -26.42
N LYS A 35 10.24 -0.38 -27.35
CA LYS A 35 11.32 0.56 -27.06
C LYS A 35 10.91 1.69 -26.14
N PHE A 36 9.67 2.14 -26.24
CA PHE A 36 9.21 3.23 -25.39
C PHE A 36 8.05 2.81 -24.50
N PRO A 37 8.35 2.09 -23.41
CA PRO A 37 7.38 1.59 -22.44
C PRO A 37 6.48 2.71 -21.90
N SER A 38 7.05 3.90 -21.74
CA SER A 38 6.29 5.04 -21.24
C SER A 38 5.68 5.89 -22.35
N GLY A 39 5.92 5.52 -23.60
CA GLY A 39 5.38 6.29 -24.70
C GLY A 39 3.88 6.18 -24.82
N THR A 40 3.22 7.30 -25.08
CA THR A 40 1.77 7.30 -25.21
C THR A 40 1.43 6.80 -26.60
N PHE A 41 0.19 6.38 -26.78
CA PHE A 41 -0.26 5.86 -28.06
C PHE A 41 -0.06 6.82 -29.23
N GLU A 42 -0.43 8.09 -29.04
CA GLU A 42 -0.27 9.07 -30.12
C GLU A 42 1.21 9.18 -30.52
N GLN A 43 2.07 9.35 -29.51
CA GLN A 43 3.51 9.47 -29.75
C GLN A 43 4.09 8.30 -30.53
N VAL A 44 3.92 7.09 -29.99
CA VAL A 44 4.46 5.90 -30.65
C VAL A 44 3.95 5.78 -32.08
N SER A 45 2.66 6.00 -32.26
CA SER A 45 2.04 5.90 -33.59
C SER A 45 2.61 6.94 -34.54
N GLN A 46 2.93 8.11 -34.00
CA GLN A 46 3.49 9.19 -34.80
C GLN A 46 4.89 8.85 -35.26
N LEU A 47 5.73 8.40 -34.32
CA LEU A 47 7.09 8.03 -34.67
C LEU A 47 7.06 6.95 -35.76
N VAL A 48 6.12 6.02 -35.63
CA VAL A 48 5.98 4.95 -36.61
C VAL A 48 5.55 5.51 -37.96
N LYS A 49 4.62 6.46 -37.91
CA LYS A 49 4.13 7.11 -39.11
C LYS A 49 5.31 7.54 -39.97
N GLU A 50 6.22 8.29 -39.35
CA GLU A 50 7.38 8.81 -40.04
C GLU A 50 8.52 7.82 -40.28
N VAL A 51 8.70 6.85 -39.39
CA VAL A 51 9.76 5.86 -39.58
C VAL A 51 9.48 5.08 -40.87
N VAL A 52 8.28 4.54 -40.99
CA VAL A 52 7.90 3.79 -42.20
C VAL A 52 8.05 4.73 -43.39
N SER A 53 7.63 5.98 -43.20
CA SER A 53 7.72 6.99 -44.24
C SER A 53 9.06 6.99 -44.96
N LEU A 54 10.15 7.04 -44.19
CA LEU A 54 11.49 7.05 -44.77
C LEU A 54 11.93 5.67 -45.23
N THR A 55 11.46 4.64 -44.53
CA THR A 55 11.83 3.29 -44.90
C THR A 55 11.27 2.99 -46.28
N GLU A 56 10.22 3.71 -46.66
CA GLU A 56 9.59 3.54 -47.97
C GLU A 56 10.38 4.32 -49.01
N ALA A 57 10.76 5.54 -48.65
CA ALA A 57 11.51 6.41 -49.55
C ALA A 57 12.93 5.90 -49.79
N CYS A 58 13.70 5.78 -48.71
CA CYS A 58 15.09 5.32 -48.80
C CYS A 58 15.29 3.83 -49.03
N CYS A 59 14.33 3.20 -49.71
CA CYS A 59 14.41 1.78 -50.02
C CYS A 59 14.16 1.54 -51.51
N ASP A 69 19.31 7.73 -44.21
CA ASP A 69 20.41 8.52 -43.57
C ASP A 69 20.19 10.02 -43.77
N THR A 70 19.83 10.38 -45.00
CA THR A 70 19.59 11.78 -45.36
C THR A 70 18.43 12.38 -44.55
N ARG A 71 17.37 11.60 -44.37
CA ARG A 71 16.21 12.05 -43.61
C ARG A 71 16.18 11.39 -42.24
N THR A 72 17.08 10.44 -42.02
CA THR A 72 17.18 9.77 -40.72
C THR A 72 17.67 10.85 -39.78
N SER A 73 18.24 11.89 -40.36
CA SER A 73 18.76 13.03 -39.62
C SER A 73 17.60 13.97 -39.29
N ALA A 74 16.60 14.00 -40.16
CA ALA A 74 15.43 14.84 -39.95
C ALA A 74 14.78 14.43 -38.64
N LEU A 75 14.81 13.13 -38.35
CA LEU A 75 14.23 12.60 -37.12
C LEU A 75 14.95 13.12 -35.88
N SER A 76 16.26 12.89 -35.83
CA SER A 76 17.07 13.33 -34.70
C SER A 76 16.66 14.73 -34.26
N ALA A 77 16.84 15.70 -35.15
CA ALA A 77 16.50 17.08 -34.88
C ALA A 77 15.08 17.25 -34.34
N LYS A 78 14.10 16.83 -35.13
CA LYS A 78 12.70 16.95 -34.75
C LYS A 78 12.41 16.31 -33.40
N SER A 79 13.21 15.32 -33.03
CA SER A 79 13.02 14.61 -31.77
C SER A 79 13.27 15.50 -30.54
N CYS A 80 13.88 16.67 -30.78
CA CYS A 80 14.18 17.60 -29.70
C CYS A 80 13.22 18.78 -29.70
N SER A 84 8.24 17.12 -28.20
CA SER A 84 8.02 16.71 -29.62
C SER A 84 6.88 15.70 -29.71
N PRO A 85 6.43 15.39 -30.93
CA PRO A 85 5.35 14.44 -31.14
C PRO A 85 5.79 13.01 -30.80
N PHE A 86 7.11 12.81 -30.80
CA PHE A 86 7.69 11.50 -30.55
C PHE A 86 7.89 11.14 -29.08
N PRO A 87 7.99 9.84 -28.77
CA PRO A 87 8.18 9.39 -27.40
C PRO A 87 9.59 9.80 -26.96
N VAL A 88 9.80 9.96 -25.67
CA VAL A 88 11.12 10.38 -25.19
C VAL A 88 11.78 9.44 -24.20
N HIS A 89 12.99 8.97 -24.54
CA HIS A 89 13.74 8.11 -23.63
C HIS A 89 14.32 9.02 -22.55
N PRO A 90 14.60 8.47 -21.37
CA PRO A 90 15.17 9.31 -20.30
C PRO A 90 16.56 9.80 -20.70
N GLY A 91 16.75 11.13 -20.73
CA GLY A 91 18.03 11.67 -21.08
C GLY A 91 18.15 12.07 -22.54
N THR A 92 17.01 12.32 -23.18
CA THR A 92 16.99 12.72 -24.58
C THR A 92 17.40 14.19 -24.66
N ALA A 93 17.08 14.96 -23.63
CA ALA A 93 17.42 16.37 -23.58
C ALA A 93 18.93 16.54 -23.67
N GLU A 94 19.67 15.63 -23.05
CA GLU A 94 21.12 15.67 -23.07
C GLU A 94 21.61 15.44 -24.49
N CYS A 95 21.33 14.26 -25.03
CA CYS A 95 21.73 13.92 -26.40
C CYS A 95 21.46 15.07 -27.39
N CYS A 96 20.45 15.87 -27.10
CA CYS A 96 20.09 16.99 -27.96
C CYS A 96 21.10 18.13 -27.82
N THR A 97 22.22 17.84 -27.18
CA THR A 97 23.27 18.82 -26.98
C THR A 97 24.00 19.08 -28.30
N LYS A 98 24.11 18.05 -29.14
CA LYS A 98 24.78 18.19 -30.44
C LYS A 98 23.77 18.69 -31.46
N ARG A 103 26.87 14.01 -35.63
CA ARG A 103 26.74 13.30 -34.32
C ARG A 103 25.28 13.40 -33.86
N LYS A 104 25.09 13.79 -32.60
CA LYS A 104 23.76 13.94 -32.02
C LYS A 104 23.09 12.58 -31.85
N LEU A 105 23.60 11.58 -32.56
CA LEU A 105 23.05 10.23 -32.46
C LEU A 105 23.58 9.52 -31.22
N CYS A 106 23.50 10.24 -30.11
CA CYS A 106 23.91 9.77 -28.79
C CYS A 106 22.65 9.09 -28.27
N MET A 107 21.55 9.35 -28.96
CA MET A 107 20.24 8.83 -28.66
C MET A 107 20.15 7.32 -28.91
N ALA A 108 20.63 6.88 -30.07
CA ALA A 108 20.61 5.47 -30.43
C ALA A 108 21.39 4.61 -29.43
N ALA A 109 22.02 5.29 -28.46
CA ALA A 109 22.80 4.60 -27.43
C ALA A 109 22.05 4.54 -26.10
N LEU A 110 21.04 5.38 -25.94
CA LEU A 110 20.24 5.39 -24.72
C LEU A 110 19.39 4.14 -24.62
N LYS A 111 19.60 3.34 -23.58
CA LYS A 111 18.83 2.12 -23.39
C LYS A 111 17.54 2.48 -22.66
N HIS A 112 16.49 1.68 -22.85
CA HIS A 112 15.24 1.94 -22.17
C HIS A 112 15.15 1.00 -20.97
N GLN A 113 14.47 1.43 -19.92
CA GLN A 113 14.32 0.59 -18.74
C GLN A 113 12.98 -0.13 -18.97
N PRO A 114 12.92 -1.43 -18.63
CA PRO A 114 11.68 -2.17 -18.83
C PRO A 114 10.55 -1.66 -17.94
N GLN A 115 9.32 -2.05 -18.30
CA GLN A 115 8.15 -1.68 -17.53
C GLN A 115 7.97 -2.84 -16.57
N GLU A 116 8.25 -2.60 -15.29
CA GLU A 116 8.14 -3.64 -14.28
C GLU A 116 6.77 -3.75 -13.65
N PHE A 117 5.85 -2.87 -14.02
CA PHE A 117 4.50 -2.90 -13.47
C PHE A 117 3.42 -2.85 -14.54
N PRO A 118 3.22 -3.97 -15.25
CA PRO A 118 2.21 -4.06 -16.30
C PRO A 118 0.84 -3.66 -15.79
N THR A 119 0.03 -3.03 -16.63
CA THR A 119 -1.33 -2.63 -16.25
C THR A 119 -2.33 -3.13 -17.28
N TYR A 120 -1.85 -3.91 -18.24
CA TYR A 120 -2.72 -4.45 -19.27
C TYR A 120 -3.82 -5.35 -18.69
N VAL A 121 -5.06 -5.04 -19.03
CA VAL A 121 -6.21 -5.81 -18.61
C VAL A 121 -7.07 -6.00 -19.84
N GLU A 122 -7.39 -7.24 -20.16
CA GLU A 122 -8.20 -7.49 -21.34
C GLU A 122 -9.65 -7.12 -21.07
N PRO A 123 -10.28 -6.40 -22.02
CA PRO A 123 -11.68 -5.99 -21.87
C PRO A 123 -12.59 -7.21 -21.99
N THR A 124 -13.88 -7.00 -21.75
CA THR A 124 -14.89 -8.06 -21.86
C THR A 124 -15.04 -8.30 -23.34
N ASN A 125 -15.75 -9.36 -23.72
CA ASN A 125 -15.93 -9.64 -25.14
C ASN A 125 -16.70 -8.56 -25.90
N ASP A 126 -17.73 -7.99 -25.27
CA ASP A 126 -18.52 -6.95 -25.93
C ASP A 126 -17.68 -5.70 -26.20
N GLU A 127 -16.88 -5.29 -25.22
CA GLU A 127 -16.02 -4.12 -25.37
C GLU A 127 -15.11 -4.32 -26.59
N ILE A 128 -14.57 -5.52 -26.72
CA ILE A 128 -13.71 -5.84 -27.84
C ILE A 128 -14.48 -5.77 -29.16
N CYS A 129 -15.56 -6.54 -29.28
CA CYS A 129 -16.30 -6.53 -30.53
C CYS A 129 -16.86 -5.15 -30.92
N GLU A 130 -17.41 -4.41 -29.97
CA GLU A 130 -17.90 -3.08 -30.29
C GLU A 130 -16.78 -2.19 -30.83
N ALA A 131 -15.69 -2.09 -30.07
CA ALA A 131 -14.55 -1.29 -30.50
C ALA A 131 -14.05 -1.77 -31.86
N PHE A 132 -14.10 -3.09 -32.07
CA PHE A 132 -13.64 -3.67 -33.31
C PHE A 132 -14.53 -3.37 -34.52
N ARG A 133 -15.84 -3.41 -34.33
CA ARG A 133 -16.76 -3.15 -35.44
C ARG A 133 -16.63 -1.71 -35.90
N LYS A 134 -16.47 -0.79 -34.95
CA LYS A 134 -16.36 0.63 -35.26
C LYS A 134 -15.04 1.00 -35.92
N ASP A 135 -13.94 0.82 -35.19
CA ASP A 135 -12.62 1.17 -35.71
C ASP A 135 -11.68 -0.05 -35.76
N PRO A 136 -11.74 -0.84 -36.84
CA PRO A 136 -10.89 -2.02 -37.01
C PRO A 136 -9.39 -1.74 -36.97
N LYS A 137 -8.96 -0.67 -37.63
CA LYS A 137 -7.55 -0.32 -37.63
C LYS A 137 -7.10 0.16 -36.26
N GLU A 138 -7.80 1.16 -35.74
CA GLU A 138 -7.51 1.76 -34.44
C GLU A 138 -7.60 0.77 -33.27
N TYR A 139 -8.51 -0.18 -33.34
CA TYR A 139 -8.64 -1.14 -32.26
C TYR A 139 -7.37 -1.98 -32.22
N ALA A 140 -6.94 -2.45 -33.39
CA ALA A 140 -5.75 -3.26 -33.50
C ALA A 140 -4.46 -2.49 -33.23
N ASN A 141 -4.48 -1.17 -33.39
CA ASN A 141 -3.29 -0.39 -33.14
C ASN A 141 -3.20 -0.12 -31.65
N GLN A 142 -4.33 0.12 -31.03
CA GLN A 142 -4.40 0.37 -29.60
C GLN A 142 -3.94 -0.90 -28.88
N PHE A 143 -4.39 -2.05 -29.37
CA PHE A 143 -4.02 -3.33 -28.77
C PHE A 143 -2.53 -3.64 -28.91
N MET A 144 -2.02 -3.54 -30.14
CA MET A 144 -0.61 -3.82 -30.38
C MET A 144 0.27 -2.89 -29.56
N TRP A 145 -0.13 -1.63 -29.45
CA TRP A 145 0.62 -0.65 -28.67
C TRP A 145 0.57 -0.95 -27.16
N GLU A 146 -0.62 -1.15 -26.63
CA GLU A 146 -0.76 -1.42 -25.20
C GLU A 146 -0.16 -2.74 -24.75
N TYR A 147 -0.41 -3.80 -25.52
CA TYR A 147 0.14 -5.10 -25.17
C TYR A 147 1.68 -5.08 -25.26
N SER A 148 2.19 -4.46 -26.33
CA SER A 148 3.65 -4.39 -26.53
C SER A 148 4.40 -3.48 -25.56
N THR A 149 3.75 -2.45 -25.04
CA THR A 149 4.41 -1.56 -24.09
C THR A 149 4.41 -2.17 -22.70
N ASN A 150 3.45 -3.04 -22.43
CA ASN A 150 3.35 -3.67 -21.13
C ASN A 150 4.22 -4.91 -21.00
N TYR A 151 4.39 -5.60 -22.13
CA TYR A 151 5.17 -6.83 -22.18
C TYR A 151 6.27 -6.73 -23.21
N GLY A 152 6.84 -5.52 -23.33
CA GLY A 152 7.87 -5.25 -24.30
C GLY A 152 9.17 -6.05 -24.20
N GLN A 153 9.37 -6.78 -23.12
CA GLN A 153 10.59 -7.56 -22.99
C GLN A 153 10.45 -8.95 -23.55
N ALA A 154 9.24 -9.33 -23.93
CA ALA A 154 9.09 -10.65 -24.53
C ALA A 154 9.78 -10.48 -25.88
N PRO A 155 10.32 -11.57 -26.45
CA PRO A 155 10.97 -11.40 -27.75
C PRO A 155 10.01 -10.92 -28.84
N LEU A 156 10.47 -9.99 -29.67
CA LEU A 156 9.66 -9.44 -30.76
C LEU A 156 8.87 -10.52 -31.48
N SER A 157 9.53 -11.61 -31.88
CA SER A 157 8.83 -12.66 -32.60
C SER A 157 7.60 -13.18 -31.87
N LEU A 158 7.71 -13.31 -30.55
CA LEU A 158 6.60 -13.81 -29.73
C LEU A 158 5.47 -12.77 -29.64
N LEU A 159 5.85 -11.51 -29.44
CA LEU A 159 4.89 -10.42 -29.38
C LEU A 159 4.14 -10.30 -30.71
N VAL A 160 4.88 -10.33 -31.81
CA VAL A 160 4.27 -10.24 -33.12
C VAL A 160 3.33 -11.39 -33.37
N SER A 161 3.73 -12.59 -32.96
CA SER A 161 2.92 -13.77 -33.17
C SER A 161 1.65 -13.84 -32.33
N TYR A 162 1.74 -13.50 -31.05
CA TYR A 162 0.58 -13.53 -30.19
C TYR A 162 -0.46 -12.47 -30.58
N THR A 163 0.02 -11.26 -30.90
CA THR A 163 -0.92 -10.20 -31.28
C THR A 163 -1.64 -10.45 -32.61
N LYS A 164 -1.01 -11.18 -33.53
CA LYS A 164 -1.66 -11.47 -34.80
C LYS A 164 -2.65 -12.60 -34.56
N SER A 165 -2.29 -13.55 -33.70
CA SER A 165 -3.19 -14.66 -33.41
C SER A 165 -4.37 -14.12 -32.62
N TYR A 166 -4.10 -13.16 -31.74
CA TYR A 166 -5.14 -12.55 -30.93
C TYR A 166 -6.08 -11.77 -31.82
N LEU A 167 -5.53 -10.90 -32.66
CA LEU A 167 -6.34 -10.10 -33.55
C LEU A 167 -7.10 -10.98 -34.53
N SER A 168 -6.51 -12.09 -34.91
CA SER A 168 -7.16 -13.02 -35.81
C SER A 168 -8.36 -13.62 -35.06
N MET A 169 -8.22 -13.82 -33.75
CA MET A 169 -9.31 -14.35 -32.95
C MET A 169 -10.43 -13.31 -32.88
N VAL A 170 -10.06 -12.06 -32.62
CA VAL A 170 -11.04 -10.98 -32.51
C VAL A 170 -11.80 -10.80 -33.84
N GLY A 171 -11.05 -10.69 -34.93
CA GLY A 171 -11.69 -10.52 -36.23
C GLY A 171 -12.62 -11.66 -36.53
N SER A 172 -12.16 -12.89 -36.27
CA SER A 172 -12.95 -14.09 -36.53
C SER A 172 -14.18 -14.25 -35.62
N CYS A 173 -13.96 -14.25 -34.32
CA CYS A 173 -15.05 -14.41 -33.37
C CYS A 173 -16.11 -13.32 -33.34
N CYS A 174 -15.69 -12.06 -33.50
CA CYS A 174 -16.64 -10.95 -33.47
C CYS A 174 -17.55 -10.91 -34.71
N THR A 175 -17.37 -11.86 -35.62
CA THR A 175 -18.20 -11.92 -36.82
C THR A 175 -18.72 -13.33 -36.99
N SER A 176 -18.65 -14.12 -35.92
CA SER A 176 -19.12 -15.50 -35.97
C SER A 176 -20.61 -15.65 -35.66
N ALA A 177 -21.13 -16.84 -35.95
CA ALA A 177 -22.53 -17.16 -35.70
C ALA A 177 -22.83 -16.98 -34.21
N SER A 178 -21.84 -17.31 -33.38
CA SER A 178 -21.97 -17.16 -31.93
C SER A 178 -20.64 -16.71 -31.35
N PRO A 179 -20.43 -15.38 -31.26
CA PRO A 179 -19.20 -14.80 -30.73
C PRO A 179 -18.70 -15.41 -29.43
N THR A 180 -19.61 -15.58 -28.48
CA THR A 180 -19.28 -16.12 -27.17
C THR A 180 -18.60 -17.48 -27.16
N VAL A 181 -19.18 -18.49 -27.80
CA VAL A 181 -18.58 -19.81 -27.80
C VAL A 181 -17.31 -19.81 -28.64
N CYS A 182 -17.24 -18.91 -29.61
CA CYS A 182 -16.07 -18.81 -30.47
C CYS A 182 -14.88 -18.34 -29.63
N PHE A 183 -15.14 -17.38 -28.75
CA PHE A 183 -14.10 -16.85 -27.88
C PHE A 183 -13.67 -17.90 -26.86
N LEU A 184 -14.64 -18.67 -26.38
CA LEU A 184 -14.36 -19.73 -25.42
C LEU A 184 -13.35 -20.70 -26.03
N LYS A 185 -13.60 -21.09 -27.28
CA LYS A 185 -12.73 -22.03 -27.96
C LYS A 185 -11.41 -21.44 -28.42
N GLU A 186 -11.46 -20.27 -29.07
CA GLU A 186 -10.24 -19.62 -29.55
C GLU A 186 -9.30 -19.27 -28.42
N ARG A 187 -9.85 -18.80 -27.31
CA ARG A 187 -9.03 -18.42 -26.18
C ARG A 187 -8.31 -19.62 -25.59
N LEU A 188 -8.97 -20.77 -25.62
CA LEU A 188 -8.37 -21.97 -25.07
C LEU A 188 -7.18 -22.41 -25.92
N GLN A 189 -7.24 -22.14 -27.22
CA GLN A 189 -6.17 -22.51 -28.12
C GLN A 189 -5.02 -21.50 -28.15
N LEU A 190 -5.23 -20.32 -27.55
CA LEU A 190 -4.19 -19.30 -27.50
C LEU A 190 -3.63 -19.23 -26.09
N LYS A 191 -4.28 -19.91 -25.15
CA LYS A 191 -3.85 -19.90 -23.76
C LYS A 191 -2.34 -20.12 -23.61
N HIS A 192 -1.82 -21.07 -24.38
CA HIS A 192 -0.40 -21.42 -24.36
C HIS A 192 0.50 -20.26 -24.82
N LEU A 193 0.21 -19.74 -26.00
CA LEU A 193 1.00 -18.65 -26.57
C LEU A 193 0.88 -17.37 -25.74
N SER A 194 -0.26 -17.21 -25.08
CA SER A 194 -0.51 -16.05 -24.24
C SER A 194 0.35 -16.11 -22.99
N LEU A 195 0.33 -17.28 -22.35
CA LEU A 195 1.10 -17.53 -21.14
C LEU A 195 2.59 -17.45 -21.42
N LEU A 196 2.99 -17.95 -22.59
CA LEU A 196 4.40 -17.97 -22.98
C LEU A 196 4.94 -16.55 -23.16
N THR A 197 4.09 -15.67 -23.68
CA THR A 197 4.48 -14.29 -23.93
C THR A 197 4.61 -13.48 -22.63
N THR A 198 3.66 -13.61 -21.71
CA THR A 198 3.76 -12.82 -20.47
C THR A 198 4.87 -13.38 -19.59
N LEU A 199 5.02 -14.69 -19.61
CA LEU A 199 6.09 -15.32 -18.84
C LEU A 199 7.43 -14.85 -19.39
N SER A 200 7.58 -14.93 -20.71
CA SER A 200 8.81 -14.52 -21.36
C SER A 200 9.16 -13.07 -21.05
N ASN A 201 8.14 -12.20 -21.04
CA ASN A 201 8.39 -10.80 -20.72
C ASN A 201 9.02 -10.72 -19.32
N ARG A 202 8.37 -11.35 -18.35
CA ARG A 202 8.84 -11.33 -16.95
C ARG A 202 10.27 -11.85 -16.82
N VAL A 203 10.49 -13.08 -17.24
CA VAL A 203 11.81 -13.68 -17.14
C VAL A 203 12.86 -12.91 -17.95
N CYS A 204 12.49 -12.43 -19.15
CA CYS A 204 13.42 -11.68 -19.99
C CYS A 204 13.67 -10.27 -19.50
N SER A 205 12.72 -9.71 -18.77
CA SER A 205 12.89 -8.36 -18.24
C SER A 205 13.85 -8.41 -17.05
N GLN A 206 13.83 -9.51 -16.29
CA GLN A 206 14.75 -9.65 -15.17
C GLN A 206 16.17 -9.83 -15.73
N TYR A 207 16.27 -10.57 -16.82
CA TYR A 207 17.55 -10.80 -17.46
C TYR A 207 18.16 -9.49 -17.98
N ALA A 208 17.36 -8.68 -18.67
CA ALA A 208 17.85 -7.40 -19.20
C ALA A 208 18.22 -6.44 -18.07
N ALA A 209 17.46 -6.51 -16.99
CA ALA A 209 17.71 -5.64 -15.84
C ALA A 209 19.07 -5.91 -15.22
N TYR A 210 19.37 -7.19 -15.01
CA TYR A 210 20.64 -7.60 -14.40
C TYR A 210 21.82 -7.85 -15.33
N GLY A 211 21.55 -8.24 -16.58
CA GLY A 211 22.65 -8.57 -17.47
C GLY A 211 22.86 -10.05 -17.21
N GLU A 212 23.51 -10.75 -18.12
CA GLU A 212 23.71 -12.18 -17.97
C GLU A 212 24.32 -12.73 -16.66
N LYS A 213 25.38 -12.11 -16.18
CA LYS A 213 26.05 -12.58 -14.97
C LYS A 213 25.20 -12.48 -13.70
N LYS A 214 24.64 -11.30 -13.43
CA LYS A 214 23.81 -11.13 -12.24
C LYS A 214 22.56 -12.00 -12.36
N SER A 215 22.04 -12.10 -13.57
CA SER A 215 20.85 -12.90 -13.81
C SER A 215 21.11 -14.33 -13.39
N ARG A 216 22.19 -14.89 -13.90
CA ARG A 216 22.57 -16.25 -13.59
C ARG A 216 22.64 -16.46 -12.07
N LEU A 217 23.30 -15.56 -11.36
CA LEU A 217 23.40 -15.68 -9.90
C LEU A 217 22.02 -15.57 -9.27
N SER A 218 21.24 -14.62 -9.77
CA SER A 218 19.90 -14.38 -9.28
C SER A 218 19.10 -15.68 -9.33
N ASN A 219 19.05 -16.33 -10.47
CA ASN A 219 18.31 -17.57 -10.56
C ASN A 219 18.87 -18.67 -9.67
N LEU A 220 20.17 -18.63 -9.38
CA LEU A 220 20.77 -19.62 -8.50
C LEU A 220 20.27 -19.37 -7.07
N ILE A 221 20.21 -18.09 -6.69
CA ILE A 221 19.75 -17.69 -5.37
C ILE A 221 18.30 -18.11 -5.16
N LYS A 222 17.44 -17.78 -6.12
CA LYS A 222 16.03 -18.12 -5.99
C LYS A 222 15.82 -19.62 -5.80
N LEU A 223 16.51 -20.43 -6.61
CA LEU A 223 16.40 -21.88 -6.52
C LEU A 223 16.90 -22.37 -5.16
N ALA A 224 18.00 -21.78 -4.69
CA ALA A 224 18.54 -22.17 -3.40
C ALA A 224 17.51 -21.86 -2.32
N GLN A 225 16.80 -20.75 -2.49
CA GLN A 225 15.80 -20.33 -1.50
C GLN A 225 14.53 -21.18 -1.55
N LYS A 226 14.18 -21.65 -2.74
CA LYS A 226 12.99 -22.49 -2.94
C LYS A 226 13.20 -23.93 -2.45
N VAL A 227 14.44 -24.42 -2.55
CA VAL A 227 14.75 -25.79 -2.15
C VAL A 227 16.08 -25.78 -1.41
N PRO A 228 16.08 -25.26 -0.16
CA PRO A 228 17.25 -25.16 0.72
C PRO A 228 17.94 -26.47 1.05
N THR A 229 17.20 -27.57 0.96
CA THR A 229 17.73 -28.91 1.27
C THR A 229 18.49 -29.57 0.13
N ALA A 230 18.56 -28.90 -1.02
CA ALA A 230 19.24 -29.44 -2.18
C ALA A 230 20.74 -29.22 -2.13
N ASP A 231 21.44 -29.78 -3.11
CA ASP A 231 22.89 -29.64 -3.21
C ASP A 231 23.19 -28.66 -4.33
N LEU A 232 24.33 -27.98 -4.24
CA LEU A 232 24.72 -27.03 -5.26
C LEU A 232 24.53 -27.74 -6.59
N GLU A 233 24.99 -28.98 -6.66
CA GLU A 233 24.92 -29.84 -7.85
C GLU A 233 23.52 -30.05 -8.41
N ASP A 234 22.51 -29.99 -7.56
CA ASP A 234 21.13 -30.19 -8.03
C ASP A 234 20.60 -28.92 -8.69
N VAL A 235 21.03 -27.78 -8.18
CA VAL A 235 20.54 -26.47 -8.64
C VAL A 235 21.39 -25.65 -9.61
N LEU A 236 22.70 -25.78 -9.50
CA LEU A 236 23.58 -25.02 -10.37
C LEU A 236 23.26 -25.30 -11.83
N PRO A 237 23.13 -26.58 -12.21
CA PRO A 237 22.81 -26.91 -13.61
C PRO A 237 21.53 -26.21 -14.06
N LEU A 238 20.62 -26.00 -13.11
CA LEU A 238 19.33 -25.35 -13.40
C LEU A 238 19.49 -23.85 -13.65
N ALA A 239 20.28 -23.18 -12.81
CA ALA A 239 20.55 -21.75 -12.97
C ALA A 239 21.30 -21.54 -14.31
N GLU A 240 22.19 -22.47 -14.62
CA GLU A 240 22.97 -22.41 -15.85
C GLU A 240 22.07 -22.52 -17.04
N ASP A 241 21.20 -23.53 -17.01
CA ASP A 241 20.31 -23.78 -18.13
C ASP A 241 19.36 -22.63 -18.43
N ILE A 242 18.61 -22.17 -17.43
CA ILE A 242 17.68 -21.09 -17.70
C ILE A 242 18.43 -19.87 -18.24
N THR A 243 19.61 -19.60 -17.69
CA THR A 243 20.41 -18.46 -18.13
C THR A 243 20.79 -18.59 -19.60
N ASN A 244 21.11 -19.80 -20.03
CA ASN A 244 21.47 -20.06 -21.42
C ASN A 244 20.24 -19.86 -22.31
N ILE A 245 19.09 -20.35 -21.83
CA ILE A 245 17.86 -20.22 -22.57
C ILE A 245 17.50 -18.74 -22.73
N LEU A 246 17.68 -17.96 -21.67
CA LEU A 246 17.35 -16.54 -21.76
C LEU A 246 18.28 -15.78 -22.72
N SER A 247 19.59 -16.05 -22.69
CA SER A 247 20.52 -15.34 -23.58
C SER A 247 20.30 -15.73 -25.04
N LYS A 248 19.69 -16.88 -25.27
CA LYS A 248 19.44 -17.35 -26.61
C LYS A 248 18.05 -16.98 -27.14
N CYS A 249 17.03 -16.95 -26.27
CA CYS A 249 15.69 -16.70 -26.75
C CYS A 249 14.96 -15.40 -26.39
N CYS A 250 15.54 -14.57 -25.54
CA CYS A 250 14.86 -13.33 -25.18
C CYS A 250 14.75 -12.35 -26.32
N GLU A 251 15.69 -12.41 -27.26
CA GLU A 251 15.66 -11.54 -28.43
C GLU A 251 15.73 -12.38 -29.72
N SER A 252 14.62 -12.37 -30.46
CA SER A 252 14.51 -13.06 -31.74
C SER A 252 13.48 -12.29 -32.54
N ALA A 253 13.84 -11.88 -33.74
CA ALA A 253 12.95 -11.09 -34.58
C ALA A 253 11.78 -11.85 -35.20
N SER A 254 11.98 -13.11 -35.58
CA SER A 254 10.89 -13.86 -36.21
C SER A 254 10.75 -15.30 -35.77
N GLU A 255 11.83 -15.87 -35.23
CA GLU A 255 11.80 -17.25 -34.80
C GLU A 255 11.99 -17.36 -33.28
N ASP A 256 10.90 -17.69 -32.57
CA ASP A 256 10.94 -17.82 -31.12
C ASP A 256 11.48 -19.17 -30.66
N CYS A 257 12.39 -19.15 -29.71
CA CYS A 257 12.88 -20.41 -29.21
C CYS A 257 12.50 -20.68 -27.77
N MET A 258 11.86 -19.70 -27.12
CA MET A 258 11.42 -19.90 -25.74
C MET A 258 10.49 -21.11 -25.69
N ALA A 259 9.67 -21.29 -26.71
CA ALA A 259 8.72 -22.41 -26.77
C ALA A 259 9.42 -23.75 -26.96
N LYS A 260 10.53 -23.74 -27.67
CA LYS A 260 11.29 -24.95 -27.91
C LYS A 260 12.16 -25.32 -26.72
N GLU A 261 12.56 -24.31 -25.94
CA GLU A 261 13.45 -24.52 -24.81
C GLU A 261 12.84 -24.78 -23.43
N LEU A 262 11.76 -24.08 -23.09
CA LEU A 262 11.16 -24.23 -21.76
C LEU A 262 10.71 -25.62 -21.36
N PRO A 263 10.00 -26.34 -22.23
CA PRO A 263 9.58 -27.67 -21.80
C PRO A 263 10.70 -28.56 -21.28
N GLU A 264 11.80 -28.67 -22.03
CA GLU A 264 12.90 -29.51 -21.57
C GLU A 264 13.49 -28.94 -20.30
N HIS A 265 13.40 -27.62 -20.14
CA HIS A 265 13.92 -27.02 -18.92
C HIS A 265 13.12 -27.51 -17.72
N THR A 266 11.80 -27.63 -17.87
CA THR A 266 10.97 -28.12 -16.78
C THR A 266 11.35 -29.56 -16.45
N VAL A 267 11.82 -30.30 -17.45
CA VAL A 267 12.25 -31.68 -17.23
C VAL A 267 13.50 -31.69 -16.36
N LYS A 268 14.46 -30.80 -16.64
CA LYS A 268 15.65 -30.73 -15.83
C LYS A 268 15.24 -30.31 -14.42
N LEU A 269 14.36 -29.30 -14.33
CA LEU A 269 13.89 -28.85 -13.03
C LEU A 269 13.32 -30.03 -12.25
N CYS A 270 12.36 -30.74 -12.84
CA CYS A 270 11.74 -31.88 -12.17
C CYS A 270 12.70 -33.03 -11.90
N ASP A 271 13.57 -33.34 -12.86
CA ASP A 271 14.54 -34.40 -12.64
C ASP A 271 15.37 -34.13 -11.39
N ASN A 272 15.78 -32.89 -11.18
CA ASN A 272 16.63 -32.57 -10.03
C ASN A 272 16.00 -32.24 -8.68
N LEU A 273 14.80 -31.65 -8.67
CA LEU A 273 14.16 -31.24 -7.43
C LEU A 273 12.83 -31.92 -7.09
N SER A 274 12.27 -32.64 -8.05
CA SER A 274 11.00 -33.32 -7.85
C SER A 274 10.93 -34.12 -6.53
N THR A 275 12.00 -34.84 -6.20
CA THR A 275 12.05 -35.65 -4.99
C THR A 275 12.62 -34.95 -3.78
N LYS A 276 13.26 -33.81 -3.97
CA LYS A 276 13.85 -33.07 -2.87
C LYS A 276 12.85 -32.15 -2.18
N ASN A 277 11.71 -31.92 -2.83
CA ASN A 277 10.74 -30.97 -2.28
C ASN A 277 9.28 -31.27 -2.67
N SER A 278 8.41 -31.31 -1.67
CA SER A 278 6.99 -31.58 -1.89
C SER A 278 6.30 -30.58 -2.81
N LYS A 279 6.62 -29.30 -2.64
CA LYS A 279 6.03 -28.25 -3.47
C LYS A 279 6.40 -28.44 -4.94
N PHE A 280 7.65 -28.84 -5.17
CA PHE A 280 8.13 -29.07 -6.52
C PHE A 280 7.52 -30.33 -7.11
N GLU A 281 7.36 -31.36 -6.28
CA GLU A 281 6.78 -32.60 -6.75
C GLU A 281 5.38 -32.34 -7.33
N ASP A 282 4.64 -31.43 -6.70
CA ASP A 282 3.29 -31.12 -7.18
C ASP A 282 3.35 -30.25 -8.44
N CYS A 283 4.25 -29.27 -8.44
CA CYS A 283 4.39 -28.40 -9.60
C CYS A 283 4.69 -29.26 -10.83
N CYS A 284 5.44 -30.33 -10.62
CA CYS A 284 5.82 -31.21 -11.71
C CYS A 284 4.66 -32.06 -12.20
N GLN A 285 3.51 -31.91 -11.58
CA GLN A 285 2.30 -32.65 -11.96
C GLN A 285 1.44 -31.87 -12.96
N GLU A 286 1.66 -30.57 -13.06
CA GLU A 286 0.88 -29.72 -13.98
C GLU A 286 0.76 -30.32 -15.38
N LYS A 287 -0.32 -29.97 -16.07
CA LYS A 287 -0.61 -30.49 -17.41
C LYS A 287 0.30 -30.00 -18.51
N THR A 288 0.96 -28.86 -18.31
CA THR A 288 1.86 -28.34 -19.33
C THR A 288 3.18 -27.83 -18.76
N ALA A 289 4.20 -27.77 -19.61
CA ALA A 289 5.51 -27.29 -19.18
C ALA A 289 5.34 -25.86 -18.69
N MET A 290 4.46 -25.10 -19.36
CA MET A 290 4.19 -23.72 -18.97
C MET A 290 3.64 -23.63 -17.56
N ASP A 291 2.75 -24.54 -17.21
CA ASP A 291 2.14 -24.54 -15.89
C ASP A 291 3.16 -24.98 -14.84
N VAL A 292 3.94 -25.99 -15.20
CA VAL A 292 4.97 -26.47 -14.29
C VAL A 292 5.92 -25.31 -14.01
N PHE A 293 6.39 -24.66 -15.07
CA PHE A 293 7.30 -23.55 -14.92
C PHE A 293 6.71 -22.43 -14.08
N VAL A 294 5.54 -21.94 -14.48
CA VAL A 294 4.89 -20.86 -13.73
C VAL A 294 4.78 -21.24 -12.25
N CYS A 295 4.42 -22.49 -11.99
CA CYS A 295 4.29 -23.00 -10.64
C CYS A 295 5.58 -22.95 -9.83
N THR A 296 6.72 -23.21 -10.47
CA THR A 296 8.01 -23.18 -9.78
C THR A 296 8.53 -21.74 -9.64
N TYR A 297 8.12 -20.87 -10.56
CA TYR A 297 8.51 -19.46 -10.53
C TYR A 297 7.84 -18.75 -9.35
N PHE A 298 6.53 -18.92 -9.22
CA PHE A 298 5.77 -18.28 -8.15
C PHE A 298 6.07 -18.81 -6.75
N MET A 299 6.62 -20.02 -6.68
CA MET A 299 6.96 -20.64 -5.40
C MET A 299 7.82 -19.66 -4.58
N PRO A 300 7.40 -19.35 -3.34
CA PRO A 300 8.15 -18.42 -2.49
C PRO A 300 9.33 -19.07 -1.79
N ALA A 301 10.24 -18.26 -1.27
CA ALA A 301 11.40 -18.80 -0.57
C ALA A 301 10.87 -19.64 0.60
N ALA A 302 11.29 -20.90 0.65
CA ALA A 302 10.87 -21.80 1.72
C ALA A 302 11.61 -21.45 3.01
N GLN A 303 11.13 -22.01 4.12
CA GLN A 303 11.76 -21.78 5.42
C GLN A 303 13.20 -22.30 5.35
N LEU A 304 14.16 -21.46 5.69
CA LEU A 304 15.56 -21.85 5.64
C LEU A 304 15.99 -22.66 6.86
N PRO A 305 16.58 -23.83 6.63
CA PRO A 305 17.05 -24.73 7.69
C PRO A 305 18.03 -24.06 8.62
N GLU A 306 18.54 -22.90 8.21
CA GLU A 306 19.51 -22.16 9.00
C GLU A 306 20.66 -23.07 9.45
N LEU A 307 21.64 -23.19 8.58
CA LEU A 307 22.83 -24.00 8.83
C LEU A 307 23.90 -23.06 9.37
N PRO A 308 25.11 -23.59 9.67
CA PRO A 308 26.15 -22.70 10.17
C PRO A 308 26.44 -21.56 9.19
N ASP A 309 27.07 -20.50 9.67
CA ASP A 309 27.40 -19.35 8.84
C ASP A 309 28.42 -19.76 7.77
N VAL A 310 28.57 -18.94 6.73
CA VAL A 310 29.50 -19.21 5.64
C VAL A 310 30.37 -17.98 5.44
N GLU A 311 31.68 -18.17 5.33
CA GLU A 311 32.59 -17.06 5.16
C GLU A 311 32.75 -16.69 3.69
N LEU A 312 33.17 -15.46 3.45
CA LEU A 312 33.38 -14.99 2.10
C LEU A 312 34.41 -15.91 1.43
N PRO A 313 34.34 -16.06 0.10
CA PRO A 313 35.28 -16.92 -0.61
C PRO A 313 36.60 -16.20 -0.90
N THR A 314 37.30 -15.84 0.17
CA THR A 314 38.59 -15.15 0.10
C THR A 314 39.74 -16.12 -0.18
N ASN A 315 39.78 -16.67 -1.39
CA ASN A 315 40.85 -17.60 -1.77
C ASN A 315 41.10 -17.61 -3.28
N LYS A 316 42.34 -17.86 -3.65
CA LYS A 316 42.77 -17.88 -5.05
C LYS A 316 41.86 -18.64 -6.01
N ASP A 317 40.98 -19.49 -5.49
CA ASP A 317 40.07 -20.26 -6.34
C ASP A 317 38.94 -19.44 -6.98
N VAL A 318 38.66 -18.26 -6.45
CA VAL A 318 37.59 -17.44 -7.05
C VAL A 318 38.10 -16.76 -8.32
N CYS A 319 39.39 -16.88 -8.57
CA CYS A 319 40.02 -16.26 -9.73
C CYS A 319 39.86 -17.04 -11.03
N ASP A 320 39.57 -18.33 -10.91
CA ASP A 320 39.40 -19.19 -12.06
C ASP A 320 38.59 -18.52 -13.18
N PRO A 321 39.25 -18.24 -14.31
CA PRO A 321 38.57 -17.60 -15.44
C PRO A 321 37.58 -18.58 -16.08
N GLY A 322 37.96 -19.86 -16.06
CA GLY A 322 37.12 -20.90 -16.64
C GLY A 322 35.86 -21.26 -15.89
N ASN A 323 35.89 -21.14 -14.57
CA ASN A 323 34.70 -21.45 -13.78
C ASN A 323 34.47 -20.51 -12.61
N THR A 324 33.20 -20.38 -12.22
CA THR A 324 32.79 -19.53 -11.11
C THR A 324 32.37 -20.45 -9.97
N LYS A 325 32.77 -21.71 -10.10
CA LYS A 325 32.48 -22.77 -9.14
C LYS A 325 32.47 -22.30 -7.68
N VAL A 326 33.55 -21.66 -7.26
CA VAL A 326 33.66 -21.18 -5.88
C VAL A 326 32.69 -20.06 -5.59
N MET A 327 32.50 -19.17 -6.56
CA MET A 327 31.58 -18.04 -6.45
C MET A 327 30.15 -18.58 -6.31
N ASP A 328 29.83 -19.55 -7.16
CA ASP A 328 28.53 -20.18 -7.16
C ASP A 328 28.24 -20.90 -5.85
N LYS A 329 29.21 -21.68 -5.39
CA LYS A 329 29.06 -22.42 -4.14
C LYS A 329 28.80 -21.47 -2.98
N TYR A 330 29.52 -20.35 -2.93
CA TYR A 330 29.33 -19.39 -1.86
C TYR A 330 27.94 -18.78 -1.94
N THR A 331 27.58 -18.36 -3.14
CA THR A 331 26.29 -17.75 -3.42
C THR A 331 25.17 -18.70 -2.98
N PHE A 332 25.30 -19.95 -3.39
CA PHE A 332 24.32 -20.98 -3.05
C PHE A 332 24.24 -21.18 -1.55
N GLU A 333 25.38 -21.38 -0.90
CA GLU A 333 25.39 -21.61 0.55
C GLU A 333 24.89 -20.40 1.32
N LEU A 334 25.15 -19.20 0.81
CA LEU A 334 24.69 -18.01 1.51
C LEU A 334 23.17 -17.96 1.39
N SER A 335 22.66 -18.10 0.17
CA SER A 335 21.24 -18.05 -0.09
C SER A 335 20.39 -19.00 0.75
N ARG A 336 20.86 -20.22 0.96
CA ARG A 336 20.07 -21.16 1.73
C ARG A 336 20.17 -21.00 3.24
N ARG A 337 20.98 -20.06 3.71
CA ARG A 337 21.12 -19.88 5.14
C ARG A 337 20.72 -18.49 5.62
N THR A 338 20.60 -17.58 4.67
CA THR A 338 20.25 -16.20 4.99
C THR A 338 18.83 -15.80 4.62
N HIS A 339 17.99 -15.61 5.62
CA HIS A 339 16.62 -15.18 5.37
C HIS A 339 16.72 -13.73 4.90
N LEU A 340 16.68 -13.53 3.59
CA LEU A 340 16.81 -12.22 2.96
C LEU A 340 16.37 -12.38 1.50
N PRO A 341 15.63 -11.41 0.94
CA PRO A 341 15.18 -11.51 -0.44
C PRO A 341 16.32 -11.48 -1.47
N GLU A 342 16.10 -12.11 -2.62
CA GLU A 342 17.15 -12.13 -3.64
C GLU A 342 17.48 -10.76 -4.20
N VAL A 343 16.53 -9.82 -4.23
CA VAL A 343 16.92 -8.51 -4.76
C VAL A 343 17.97 -7.92 -3.83
N PHE A 344 17.91 -8.28 -2.54
CA PHE A 344 18.91 -7.79 -1.59
C PHE A 344 20.22 -8.53 -1.81
N LEU A 345 20.16 -9.86 -1.79
CA LEU A 345 21.36 -10.68 -1.98
C LEU A 345 22.05 -10.33 -3.29
N SER A 346 21.30 -10.31 -4.39
CA SER A 346 21.88 -9.97 -5.68
C SER A 346 22.52 -8.58 -5.68
N LYS A 347 21.90 -7.66 -4.95
CA LYS A 347 22.40 -6.30 -4.87
C LYS A 347 23.75 -6.18 -4.18
N VAL A 348 23.92 -6.90 -3.08
CA VAL A 348 25.16 -6.84 -2.32
C VAL A 348 26.22 -7.84 -2.81
N LEU A 349 25.80 -8.90 -3.48
CA LEU A 349 26.76 -9.90 -3.96
C LEU A 349 27.61 -9.41 -5.11
N GLU A 350 26.99 -8.68 -6.03
CA GLU A 350 27.69 -8.13 -7.17
C GLU A 350 28.92 -7.33 -6.71
N PRO A 351 28.71 -6.31 -5.87
CA PRO A 351 29.82 -5.47 -5.38
C PRO A 351 30.84 -6.29 -4.59
N THR A 352 30.32 -7.17 -3.71
CA THR A 352 31.15 -7.99 -2.86
C THR A 352 32.04 -9.00 -3.59
N LEU A 353 31.47 -9.77 -4.51
CA LEU A 353 32.26 -10.73 -5.26
C LEU A 353 33.24 -9.98 -6.17
N LYS A 354 32.85 -8.79 -6.62
CA LYS A 354 33.71 -8.00 -7.49
C LYS A 354 34.89 -7.48 -6.71
N SER A 355 34.66 -7.12 -5.46
CA SER A 355 35.72 -6.62 -4.60
C SER A 355 36.78 -7.71 -4.42
N LEU A 356 36.34 -8.90 -4.00
CA LEU A 356 37.25 -10.02 -3.82
C LEU A 356 38.03 -10.25 -5.11
N GLY A 357 37.33 -10.23 -6.24
CA GLY A 357 37.96 -10.43 -7.53
C GLY A 357 39.16 -9.53 -7.81
N GLU A 358 39.35 -8.51 -6.98
CA GLU A 358 40.46 -7.58 -7.17
C GLU A 358 41.75 -8.08 -6.51
N CYS A 359 41.69 -9.27 -5.94
CA CYS A 359 42.85 -9.90 -5.31
C CYS A 359 43.41 -10.97 -6.23
N CYS A 360 42.90 -10.99 -7.46
CA CYS A 360 43.34 -11.98 -8.43
C CYS A 360 44.51 -11.54 -9.30
N ASP A 361 44.33 -10.45 -10.05
CA ASP A 361 45.40 -9.96 -10.91
C ASP A 361 46.38 -9.05 -10.16
N VAL A 362 46.83 -9.48 -8.99
CA VAL A 362 47.77 -8.70 -8.21
C VAL A 362 49.03 -9.51 -7.93
N GLU A 363 50.09 -8.82 -7.50
CA GLU A 363 51.36 -9.48 -7.22
C GLU A 363 51.23 -10.58 -6.16
N ASP A 364 50.45 -10.30 -5.12
CA ASP A 364 50.25 -11.27 -4.05
C ASP A 364 48.77 -11.36 -3.66
N SER A 365 48.13 -12.44 -4.07
CA SER A 365 46.71 -12.67 -3.80
C SER A 365 46.41 -12.91 -2.31
N THR A 366 47.22 -13.72 -1.64
CA THR A 366 47.00 -14.02 -0.23
C THR A 366 46.95 -12.78 0.66
N THR A 367 47.84 -11.83 0.39
CA THR A 367 47.92 -10.59 1.16
C THR A 367 46.65 -9.72 1.01
N CYS A 368 46.23 -9.56 -0.23
CA CYS A 368 45.05 -8.77 -0.58
C CYS A 368 43.75 -9.40 -0.05
N PHE A 369 43.80 -10.68 0.31
CA PHE A 369 42.64 -11.39 0.84
C PHE A 369 42.55 -11.26 2.36
N ASN A 370 43.68 -11.47 3.04
CA ASN A 370 43.71 -11.39 4.50
C ASN A 370 43.32 -10.01 5.00
N ALA A 371 43.49 -9.00 4.14
CA ALA A 371 43.17 -7.63 4.51
C ALA A 371 41.74 -7.26 4.15
N LYS A 372 41.40 -7.48 2.88
CA LYS A 372 40.06 -7.18 2.37
C LYS A 372 38.98 -7.96 3.10
N GLY A 373 39.32 -9.16 3.55
CA GLY A 373 38.38 -10.03 4.23
C GLY A 373 37.53 -9.42 5.34
N PRO A 374 38.14 -8.92 6.42
CA PRO A 374 37.41 -8.30 7.54
C PRO A 374 36.55 -7.10 7.15
N LEU A 375 36.94 -6.40 6.11
CA LEU A 375 36.18 -5.24 5.65
C LEU A 375 34.87 -5.68 5.00
N LEU A 376 34.98 -6.48 3.94
CA LEU A 376 33.81 -6.98 3.23
C LEU A 376 32.87 -7.71 4.17
N LYS A 377 33.41 -8.44 5.13
CA LYS A 377 32.59 -9.20 6.08
C LYS A 377 31.67 -8.31 6.91
N LYS A 378 32.20 -7.20 7.41
CA LYS A 378 31.43 -6.26 8.21
C LYS A 378 30.42 -5.51 7.35
N GLU A 379 30.84 -5.18 6.13
CA GLU A 379 29.96 -4.47 5.21
C GLU A 379 28.80 -5.36 4.81
N LEU A 380 29.10 -6.64 4.59
CA LEU A 380 28.07 -7.59 4.19
C LEU A 380 27.09 -7.83 5.32
N SER A 381 27.60 -7.91 6.55
CA SER A 381 26.75 -8.15 7.72
C SER A 381 25.87 -6.96 7.98
N SER A 382 26.44 -5.77 7.84
CA SER A 382 25.69 -4.55 8.07
C SER A 382 24.52 -4.49 7.09
N PHE A 383 24.79 -4.85 5.84
CA PHE A 383 23.76 -4.85 4.81
C PHE A 383 22.71 -5.92 5.10
N ILE A 384 23.16 -7.12 5.46
CA ILE A 384 22.22 -8.20 5.76
C ILE A 384 21.35 -7.86 6.99
N ASP A 385 21.96 -7.25 8.01
CA ASP A 385 21.24 -6.90 9.22
C ASP A 385 20.15 -5.88 8.95
N LYS A 386 20.49 -4.81 8.24
CA LYS A 386 19.52 -3.77 7.93
C LYS A 386 18.43 -4.33 6.99
N GLY A 387 18.84 -5.16 6.05
CA GLY A 387 17.89 -5.75 5.12
C GLY A 387 16.94 -6.69 5.84
N GLN A 388 17.46 -7.45 6.81
CA GLN A 388 16.60 -8.37 7.56
C GLN A 388 15.64 -7.57 8.42
N GLU A 389 16.01 -6.34 8.76
CA GLU A 389 15.14 -5.49 9.57
C GLU A 389 14.04 -4.91 8.66
N LEU A 390 14.43 -4.47 7.46
CA LEU A 390 13.48 -3.91 6.51
C LEU A 390 12.37 -4.91 6.15
N CYS A 391 12.70 -6.19 6.12
CA CYS A 391 11.75 -7.23 5.75
C CYS A 391 11.26 -8.12 6.90
N ALA A 392 11.68 -7.79 8.12
CA ALA A 392 11.27 -8.55 9.30
C ALA A 392 9.76 -8.82 9.34
N ASP A 393 9.41 -10.10 9.46
CA ASP A 393 8.03 -10.55 9.55
C ASP A 393 7.19 -10.64 8.27
N TYR A 394 7.67 -10.07 7.17
CA TYR A 394 6.90 -10.10 5.95
C TYR A 394 6.64 -11.49 5.37
N SER A 395 7.68 -12.30 5.31
CA SER A 395 7.58 -13.64 4.75
C SER A 395 6.82 -14.63 5.62
N GLU A 396 7.00 -14.53 6.93
CA GLU A 396 6.38 -15.47 7.87
C GLU A 396 4.93 -15.21 8.24
N ASN A 397 4.33 -14.15 7.70
CA ASN A 397 2.95 -13.80 8.06
C ASN A 397 2.07 -13.42 6.87
N THR A 398 0.76 -13.43 7.11
CA THR A 398 -0.18 -13.00 6.10
C THR A 398 0.05 -11.50 6.15
N PHE A 399 -0.33 -10.77 5.10
CA PHE A 399 -0.10 -9.33 5.09
C PHE A 399 -0.65 -8.57 6.31
N THR A 400 -1.92 -8.76 6.61
CA THR A 400 -2.51 -8.06 7.75
C THR A 400 -1.78 -8.38 9.04
N GLU A 401 -1.57 -9.67 9.30
CA GLU A 401 -0.87 -10.09 10.52
C GLU A 401 0.55 -9.54 10.51
N TYR A 402 1.04 -9.19 9.33
CA TYR A 402 2.38 -8.63 9.18
C TYR A 402 2.35 -7.16 9.63
N LYS A 403 1.33 -6.44 9.17
CA LYS A 403 1.14 -5.04 9.50
C LYS A 403 1.16 -4.87 11.01
N LYS A 404 0.38 -5.70 11.70
CA LYS A 404 0.29 -5.65 13.16
C LYS A 404 1.64 -5.78 13.86
N LYS A 405 2.37 -6.84 13.54
CA LYS A 405 3.68 -7.03 14.16
C LYS A 405 4.61 -5.88 13.80
N LEU A 406 4.49 -5.38 12.57
CA LEU A 406 5.34 -4.26 12.13
C LEU A 406 5.10 -3.02 12.99
N ALA A 407 3.82 -2.66 13.14
CA ALA A 407 3.47 -1.50 13.94
C ALA A 407 4.03 -1.70 15.35
N GLU A 408 3.88 -2.92 15.85
CA GLU A 408 4.38 -3.24 17.18
C GLU A 408 5.90 -3.03 17.27
N ARG A 409 6.66 -3.48 16.28
CA ARG A 409 8.10 -3.28 16.31
C ARG A 409 8.45 -1.79 16.26
N LEU A 410 7.69 -1.02 15.48
CA LEU A 410 7.93 0.41 15.34
C LEU A 410 7.57 1.16 16.61
N LYS A 411 6.50 0.74 17.27
CA LYS A 411 6.10 1.38 18.52
C LYS A 411 7.24 1.28 19.52
N ALA A 412 7.80 0.08 19.65
CA ALA A 412 8.90 -0.16 20.57
C ALA A 412 10.14 0.69 20.30
N LYS A 413 10.39 1.01 19.02
CA LYS A 413 11.55 1.84 18.66
C LYS A 413 11.29 3.34 18.70
N LEU A 414 10.03 3.75 18.59
CA LEU A 414 9.69 5.17 18.58
C LEU A 414 8.63 5.50 19.64
N PRO A 415 9.04 5.51 20.91
CA PRO A 415 8.19 5.80 22.08
C PRO A 415 7.35 7.08 22.05
N ASP A 416 7.92 8.18 21.58
CA ASP A 416 7.21 9.45 21.54
C ASP A 416 6.41 9.62 20.24
N ALA A 417 6.46 8.61 19.37
CA ALA A 417 5.76 8.68 18.10
C ALA A 417 4.24 8.69 18.29
N THR A 418 3.58 9.60 17.58
CA THR A 418 2.13 9.73 17.64
C THR A 418 1.52 8.70 16.70
N PRO A 419 0.27 8.27 16.96
CA PRO A 419 -0.39 7.28 16.12
C PRO A 419 -0.29 7.62 14.62
N THR A 420 -0.40 8.90 14.30
CA THR A 420 -0.32 9.38 12.92
C THR A 420 1.07 9.17 12.32
N GLU A 421 2.11 9.47 13.10
CA GLU A 421 3.48 9.29 12.63
C GLU A 421 3.75 7.79 12.44
N LEU A 422 3.16 6.98 13.31
CA LEU A 422 3.30 5.53 13.23
C LEU A 422 2.56 5.00 12.01
N ALA A 423 1.37 5.51 11.74
CA ALA A 423 0.61 5.06 10.58
C ALA A 423 1.39 5.34 9.29
N LYS A 424 2.03 6.50 9.21
CA LYS A 424 2.81 6.84 8.03
C LYS A 424 3.98 5.89 7.85
N LEU A 425 4.62 5.52 8.96
CA LEU A 425 5.77 4.62 8.90
C LEU A 425 5.35 3.20 8.58
N VAL A 426 4.25 2.75 9.15
CA VAL A 426 3.78 1.41 8.86
C VAL A 426 3.41 1.36 7.39
N ASN A 427 2.68 2.38 6.96
CA ASN A 427 2.26 2.48 5.58
C ASN A 427 3.46 2.43 4.62
N LYS A 428 4.45 3.28 4.87
CA LYS A 428 5.63 3.34 4.02
C LYS A 428 6.43 2.03 4.03
N ARG A 429 6.70 1.52 5.22
CA ARG A 429 7.47 0.28 5.33
C ARG A 429 6.76 -0.93 4.75
N SER A 430 5.46 -1.07 5.00
CA SER A 430 4.73 -2.21 4.50
C SER A 430 4.62 -2.15 2.97
N ASP A 431 4.48 -0.95 2.43
CA ASP A 431 4.40 -0.81 0.99
C ASP A 431 5.71 -1.32 0.40
N PHE A 432 6.83 -0.84 0.96
CA PHE A 432 8.15 -1.25 0.51
C PHE A 432 8.33 -2.77 0.57
N ALA A 433 7.97 -3.36 1.70
CA ALA A 433 8.10 -4.80 1.88
C ALA A 433 7.26 -5.65 0.90
N SER A 434 6.10 -5.14 0.51
CA SER A 434 5.23 -5.86 -0.42
C SER A 434 5.84 -5.84 -1.83
N ASN A 435 6.70 -4.87 -2.09
CA ASN A 435 7.35 -4.75 -3.40
C ASN A 435 8.80 -5.25 -3.41
N CYS A 436 9.45 -5.31 -2.26
CA CYS A 436 10.84 -5.72 -2.25
C CYS A 436 11.27 -6.77 -1.27
N CYS A 437 10.34 -7.59 -0.80
CA CYS A 437 10.71 -8.64 0.15
C CYS A 437 10.23 -10.01 -0.34
N SER A 438 9.52 -10.02 -1.47
CA SER A 438 9.04 -11.27 -2.07
C SER A 438 10.21 -11.82 -2.86
N ILE A 439 10.14 -13.10 -3.23
CA ILE A 439 11.21 -13.73 -3.97
C ILE A 439 11.31 -13.21 -5.42
N ASN A 440 10.21 -12.68 -5.95
CA ASN A 440 10.23 -12.15 -7.32
C ASN A 440 9.91 -10.66 -7.34
N SER A 441 10.64 -9.88 -6.54
CA SER A 441 10.43 -8.45 -6.51
C SER A 441 11.09 -7.83 -7.73
N PRO A 442 10.57 -6.68 -8.19
CA PRO A 442 11.12 -5.99 -9.37
C PRO A 442 12.54 -5.42 -9.14
N PRO A 443 13.53 -6.00 -9.83
CA PRO A 443 14.95 -5.59 -9.73
C PRO A 443 15.23 -4.09 -9.85
N LEU A 444 14.83 -3.49 -10.95
CA LEU A 444 15.10 -2.06 -11.13
C LEU A 444 14.45 -1.18 -10.08
N TYR A 445 13.17 -1.42 -9.81
CA TYR A 445 12.42 -0.65 -8.83
C TYR A 445 12.99 -0.84 -7.41
N CYS A 446 13.34 -2.08 -7.06
CA CYS A 446 13.85 -2.30 -5.72
C CYS A 446 15.29 -1.86 -5.51
N ASP A 447 16.05 -1.71 -6.60
CA ASP A 447 17.44 -1.29 -6.49
C ASP A 447 17.44 0.11 -5.87
N SER A 448 16.60 0.98 -6.42
CA SER A 448 16.47 2.35 -5.95
C SER A 448 15.90 2.40 -4.53
N GLU A 449 14.73 1.80 -4.34
CA GLU A 449 14.07 1.80 -3.04
C GLU A 449 14.94 1.22 -1.92
N ILE A 450 15.66 0.15 -2.22
CA ILE A 450 16.53 -0.46 -1.23
C ILE A 450 17.58 0.54 -0.76
N ASP A 451 18.15 1.30 -1.70
CA ASP A 451 19.15 2.30 -1.34
C ASP A 451 18.55 3.32 -0.39
N ALA A 452 17.39 3.84 -0.77
CA ALA A 452 16.70 4.83 0.04
C ALA A 452 16.40 4.32 1.45
N GLU A 453 15.83 3.12 1.53
CA GLU A 453 15.45 2.54 2.81
C GLU A 453 16.58 2.13 3.74
N LEU A 454 17.76 1.84 3.19
CA LEU A 454 18.88 1.44 4.02
C LEU A 454 19.32 2.58 4.93
N LYS A 455 19.32 3.79 4.37
CA LYS A 455 19.72 4.97 5.10
C LYS A 455 18.63 5.41 6.07
N ASN A 456 17.52 4.69 6.07
CA ASN A 456 16.38 5.01 6.93
C ASN A 456 16.54 4.45 8.35
N ILE A 457 15.62 4.87 9.22
CA ILE A 457 15.59 4.46 10.63
C ILE A 457 16.88 4.89 11.34
N ARG B 3 -9.47 12.52 54.38
CA ARG B 3 -10.63 13.16 53.70
C ARG B 3 -10.16 14.36 52.88
N GLY B 4 -8.92 14.30 52.40
CA GLY B 4 -8.38 15.38 51.61
C GLY B 4 -7.39 14.94 50.54
N ARG B 5 -6.23 14.44 50.97
CA ARG B 5 -5.20 13.98 50.05
C ARG B 5 -5.30 12.49 49.79
N ASP B 6 -6.18 11.83 50.53
CA ASP B 6 -6.37 10.38 50.39
C ASP B 6 -7.39 10.10 49.28
N TYR B 7 -7.56 11.07 48.40
CA TYR B 7 -8.49 10.98 47.28
C TYR B 7 -8.16 9.77 46.41
N GLU B 8 -6.89 9.37 46.40
CA GLU B 8 -6.45 8.22 45.62
C GLU B 8 -6.30 6.97 46.47
N LYS B 9 -5.47 7.03 47.51
CA LYS B 9 -5.25 5.89 48.40
C LYS B 9 -6.57 5.21 48.73
N ASN B 10 -7.48 5.97 49.33
CA ASN B 10 -8.78 5.46 49.69
C ASN B 10 -9.45 4.78 48.49
N LYS B 11 -9.61 5.54 47.41
CA LYS B 11 -10.25 5.04 46.19
C LYS B 11 -9.70 3.69 45.72
N VAL B 12 -8.55 3.70 45.06
CA VAL B 12 -7.93 2.48 44.54
C VAL B 12 -7.99 1.28 45.49
N CYS B 13 -7.79 1.52 46.78
CA CYS B 13 -7.83 0.43 47.75
C CYS B 13 -9.22 -0.16 47.88
N LYS B 14 -10.24 0.70 47.78
CA LYS B 14 -11.63 0.25 47.88
C LYS B 14 -11.99 -0.62 46.67
N GLU B 15 -11.65 -0.15 45.48
CA GLU B 15 -11.93 -0.89 44.26
C GLU B 15 -11.12 -2.18 44.22
N PHE B 16 -9.86 -2.10 44.61
CA PHE B 16 -9.00 -3.27 44.62
C PHE B 16 -9.58 -4.39 45.50
N SER B 17 -10.26 -3.98 46.57
CA SER B 17 -10.87 -4.93 47.50
C SER B 17 -12.23 -5.37 46.97
N HIS B 18 -12.89 -4.47 46.25
CA HIS B 18 -14.21 -4.74 45.70
C HIS B 18 -14.17 -5.62 44.46
N LEU B 19 -13.19 -5.40 43.59
CA LEU B 19 -13.06 -6.17 42.37
C LEU B 19 -12.25 -7.45 42.55
N GLY B 20 -11.22 -7.35 43.39
CA GLY B 20 -10.36 -8.49 43.61
C GLY B 20 -9.17 -8.26 42.69
N LYS B 21 -7.98 -8.66 43.15
CA LYS B 21 -6.76 -8.48 42.38
C LYS B 21 -6.92 -8.83 40.89
N GLU B 22 -7.58 -9.93 40.58
CA GLU B 22 -7.77 -10.33 39.19
C GLU B 22 -8.52 -9.32 38.33
N ASP B 23 -9.78 -9.03 38.69
CA ASP B 23 -10.58 -8.06 37.94
C ASP B 23 -9.97 -6.66 38.00
N PHE B 24 -9.24 -6.36 39.06
CA PHE B 24 -8.61 -5.04 39.19
C PHE B 24 -7.49 -4.94 38.16
N THR B 25 -6.76 -6.04 37.98
CA THR B 25 -5.65 -6.08 37.03
C THR B 25 -6.19 -6.00 35.62
N SER B 26 -7.26 -6.74 35.36
CA SER B 26 -7.90 -6.74 34.05
C SER B 26 -8.42 -5.35 33.72
N LEU B 27 -9.19 -4.80 34.65
CA LEU B 27 -9.72 -3.46 34.46
C LEU B 27 -8.57 -2.49 34.20
N SER B 28 -7.44 -2.71 34.89
CA SER B 28 -6.26 -1.86 34.73
C SER B 28 -5.68 -1.96 33.34
N LEU B 29 -5.60 -3.19 32.85
CA LEU B 29 -5.07 -3.49 31.53
C LEU B 29 -5.91 -2.80 30.46
N VAL B 30 -7.23 -2.86 30.62
CA VAL B 30 -8.14 -2.21 29.66
C VAL B 30 -8.01 -0.70 29.76
N LEU B 31 -7.97 -0.18 30.98
CA LEU B 31 -7.86 1.25 31.21
C LEU B 31 -6.59 1.84 30.57
N TYR B 32 -5.46 1.18 30.80
CA TYR B 32 -4.20 1.67 30.26
C TYR B 32 -3.95 1.39 28.78
N SER B 33 -4.53 0.31 28.26
CA SER B 33 -4.35 -0.02 26.85
C SER B 33 -5.10 1.05 26.08
N ARG B 34 -6.22 1.43 26.66
CA ARG B 34 -7.10 2.45 26.09
C ARG B 34 -6.39 3.80 26.07
N LYS B 35 -5.70 4.12 27.15
CA LYS B 35 -4.98 5.38 27.28
C LYS B 35 -3.67 5.47 26.47
N PHE B 36 -3.02 4.35 26.21
CA PHE B 36 -1.76 4.40 25.46
C PHE B 36 -1.90 3.65 24.13
N PRO B 37 -2.51 4.31 23.12
CA PRO B 37 -2.74 3.77 21.78
C PRO B 37 -1.47 3.24 21.13
N SER B 38 -0.34 3.81 21.51
CA SER B 38 0.93 3.41 20.94
C SER B 38 1.84 2.66 21.90
N GLY B 39 1.27 2.10 22.96
CA GLY B 39 2.07 1.35 23.90
C GLY B 39 2.01 -0.11 23.50
N THR B 40 3.14 -0.81 23.55
CA THR B 40 3.12 -2.22 23.18
C THR B 40 2.40 -3.03 24.24
N PHE B 41 2.17 -4.31 23.96
CA PHE B 41 1.52 -5.19 24.90
C PHE B 41 2.42 -5.37 26.12
N GLU B 42 3.72 -5.47 25.88
CA GLU B 42 4.72 -5.65 26.93
C GLU B 42 4.82 -4.42 27.80
N GLN B 43 4.86 -3.23 27.19
CA GLN B 43 4.96 -1.99 27.94
C GLN B 43 3.74 -1.77 28.83
N VAL B 44 2.55 -1.96 28.26
CA VAL B 44 1.31 -1.75 29.00
C VAL B 44 1.21 -2.78 30.12
N SER B 45 1.55 -4.02 29.83
CA SER B 45 1.51 -5.07 30.85
C SER B 45 2.42 -4.67 32.01
N GLN B 46 3.66 -4.32 31.68
CA GLN B 46 4.65 -3.94 32.68
C GLN B 46 4.13 -2.80 33.54
N LEU B 47 3.47 -1.84 32.92
CA LEU B 47 2.95 -0.71 33.66
C LEU B 47 1.85 -1.17 34.60
N VAL B 48 0.97 -2.04 34.08
CA VAL B 48 -0.15 -2.56 34.85
C VAL B 48 0.31 -3.40 36.02
N LYS B 49 1.44 -4.08 35.82
CA LYS B 49 2.01 -4.93 36.87
C LYS B 49 2.47 -4.07 38.02
N GLU B 50 3.17 -2.98 37.71
CA GLU B 50 3.67 -2.07 38.73
C GLU B 50 2.51 -1.43 39.46
N VAL B 51 1.52 -0.96 38.72
CA VAL B 51 0.35 -0.33 39.34
C VAL B 51 -0.32 -1.31 40.29
N VAL B 52 -0.52 -2.55 39.83
CA VAL B 52 -1.16 -3.54 40.68
C VAL B 52 -0.33 -3.83 41.91
N SER B 53 0.96 -4.09 41.74
CA SER B 53 1.84 -4.39 42.87
C SER B 53 1.97 -3.19 43.79
N LEU B 54 1.78 -2.00 43.23
CA LEU B 54 1.87 -0.75 43.98
C LEU B 54 0.63 -0.58 44.85
N THR B 55 -0.52 -1.01 44.33
CA THR B 55 -1.77 -0.91 45.06
C THR B 55 -1.82 -1.99 46.13
N GLU B 56 -1.56 -3.23 45.74
CA GLU B 56 -1.59 -4.36 46.65
C GLU B 56 -0.68 -4.14 47.86
N ALA B 57 0.54 -3.68 47.61
CA ALA B 57 1.50 -3.45 48.68
C ALA B 57 1.44 -2.04 49.29
N CYS B 58 0.26 -1.45 49.31
CA CYS B 58 0.08 -0.11 49.90
C CYS B 58 -1.27 -0.07 50.60
N CYS B 59 -2.12 -1.04 50.28
CA CYS B 59 -3.44 -1.12 50.89
C CYS B 59 -3.44 -2.16 51.99
N ALA B 60 -2.34 -2.89 52.09
CA ALA B 60 -2.21 -3.94 53.11
C ALA B 60 -2.00 -3.27 54.46
N GLU B 61 -2.08 -4.06 55.53
CA GLU B 61 -1.85 -3.54 56.88
C GLU B 61 -0.36 -3.47 57.12
N GLY B 62 0.07 -2.44 57.83
CA GLY B 62 1.49 -2.28 58.11
C GLY B 62 2.13 -1.25 57.21
N ALA B 63 1.57 -1.10 56.01
CA ALA B 63 2.08 -0.15 55.02
C ALA B 63 2.11 1.28 55.56
N ASP B 64 3.25 1.94 55.40
CA ASP B 64 3.41 3.31 55.86
C ASP B 64 2.57 4.24 54.99
N PRO B 65 1.88 5.22 55.60
CA PRO B 65 1.04 6.17 54.87
C PRO B 65 1.77 6.80 53.69
N ASP B 66 3.09 6.68 53.68
CA ASP B 66 3.91 7.22 52.62
C ASP B 66 3.64 6.41 51.35
N CYS B 67 3.79 5.08 51.50
CA CYS B 67 3.62 4.12 50.43
C CYS B 67 3.12 4.65 49.08
N TYR B 68 1.81 4.87 48.98
CA TYR B 68 1.23 5.36 47.73
C TYR B 68 2.02 6.49 47.10
N ASP B 69 1.86 7.70 47.62
CA ASP B 69 2.55 8.87 47.10
C ASP B 69 4.05 8.62 46.85
N THR B 70 4.64 7.71 47.61
CA THR B 70 6.06 7.37 47.46
C THR B 70 6.28 6.41 46.29
N ARG B 71 5.50 5.34 46.29
CA ARG B 71 5.58 4.31 45.26
C ARG B 71 5.14 4.90 43.92
N THR B 72 4.12 5.75 43.97
CA THR B 72 3.58 6.40 42.78
C THR B 72 4.65 7.30 42.17
N SER B 73 5.35 8.02 43.04
CA SER B 73 6.40 8.93 42.61
C SER B 73 7.48 8.21 41.83
N ALA B 74 8.04 7.17 42.42
CA ALA B 74 9.09 6.39 41.76
C ALA B 74 8.60 5.87 40.42
N LEU B 75 7.29 5.72 40.29
CA LEU B 75 6.70 5.23 39.05
C LEU B 75 6.89 6.32 38.00
N SER B 76 6.37 7.51 38.30
CA SER B 76 6.47 8.66 37.42
C SER B 76 7.92 8.87 36.96
N ALA B 77 8.86 8.65 37.87
CA ALA B 77 10.28 8.81 37.55
C ALA B 77 10.75 7.64 36.70
N LYS B 78 10.08 6.51 36.84
CA LYS B 78 10.46 5.34 36.06
C LYS B 78 10.12 5.60 34.60
N SER B 79 9.09 6.40 34.37
CA SER B 79 8.65 6.74 33.02
C SER B 79 9.64 7.64 32.30
N CYS B 80 10.50 8.31 33.08
CA CYS B 80 11.47 9.22 32.49
C CYS B 80 12.77 8.56 32.05
N GLU B 81 13.07 7.38 32.59
CA GLU B 81 14.29 6.69 32.19
C GLU B 81 14.36 6.66 30.67
N SER B 82 15.55 6.87 30.12
CA SER B 82 15.71 6.88 28.67
C SER B 82 15.28 5.54 28.08
N ASN B 83 15.02 4.57 28.95
CA ASN B 83 14.59 3.24 28.53
C ASN B 83 13.53 2.74 29.50
N SER B 84 12.43 3.49 29.63
CA SER B 84 11.34 3.11 30.52
C SER B 84 10.51 2.01 29.87
N PRO B 85 10.23 0.94 30.62
CA PRO B 85 9.45 -0.20 30.12
C PRO B 85 7.97 0.16 30.00
N PHE B 86 7.63 1.41 30.29
CA PHE B 86 6.24 1.86 30.26
C PHE B 86 5.82 2.60 29.01
N PRO B 87 4.51 2.66 28.75
CA PRO B 87 3.98 3.36 27.59
C PRO B 87 4.23 4.85 27.79
N VAL B 88 4.43 5.56 26.68
CA VAL B 88 4.74 6.98 26.76
C VAL B 88 3.83 7.88 25.92
N HIS B 89 3.26 8.90 26.55
CA HIS B 89 2.41 9.84 25.82
C HIS B 89 3.40 10.75 25.08
N PRO B 90 2.98 11.34 23.97
CA PRO B 90 3.97 12.20 23.30
C PRO B 90 4.24 13.41 24.19
N GLY B 91 5.51 13.76 24.35
CA GLY B 91 5.85 14.90 25.16
C GLY B 91 6.19 14.61 26.61
N THR B 92 5.95 13.39 27.06
CA THR B 92 6.27 13.04 28.43
C THR B 92 7.73 13.40 28.70
N ALA B 93 8.63 12.75 27.96
CA ALA B 93 10.06 12.98 28.11
C ALA B 93 10.36 14.47 27.93
N GLU B 94 9.61 15.10 27.03
CA GLU B 94 9.78 16.52 26.77
C GLU B 94 9.48 17.35 28.01
N CYS B 95 8.83 16.73 29.00
CA CYS B 95 8.50 17.41 30.24
C CYS B 95 8.80 16.57 31.47
N CYS B 96 9.95 15.90 31.46
CA CYS B 96 10.40 15.08 32.57
C CYS B 96 11.44 15.89 33.34
N THR B 97 12.28 16.60 32.59
CA THR B 97 13.32 17.42 33.17
C THR B 97 12.88 18.88 33.18
N LEU B 105 1.86 16.63 38.45
CA LEU B 105 3.01 16.65 37.50
C LEU B 105 2.52 16.87 36.08
N CYS B 106 3.45 17.05 35.15
CA CYS B 106 3.13 17.27 33.75
C CYS B 106 2.65 16.00 33.09
N MET B 107 3.23 14.88 33.53
CA MET B 107 2.90 13.56 33.01
C MET B 107 1.51 13.11 33.41
N ALA B 108 0.60 14.08 33.52
CA ALA B 108 -0.79 13.84 33.89
C ALA B 108 -1.69 14.72 33.04
N ALA B 109 -1.10 15.78 32.49
CA ALA B 109 -1.82 16.73 31.66
C ALA B 109 -1.66 16.43 30.16
N LEU B 110 -0.99 15.32 29.85
CA LEU B 110 -0.76 14.93 28.45
C LEU B 110 -1.95 14.14 27.92
N LYS B 111 -2.23 14.31 26.63
CA LYS B 111 -3.34 13.63 25.98
C LYS B 111 -2.85 12.60 24.95
N HIS B 112 -3.79 11.86 24.38
CA HIS B 112 -3.45 10.85 23.37
C HIS B 112 -4.38 10.95 22.16
N GLN B 113 -3.79 10.98 20.97
CA GLN B 113 -4.57 11.07 19.74
C GLN B 113 -5.34 9.77 19.53
N PRO B 114 -6.31 9.77 18.61
CA PRO B 114 -7.08 8.55 18.35
C PRO B 114 -6.29 7.61 17.42
N GLN B 115 -6.68 6.35 17.39
CA GLN B 115 -6.06 5.39 16.51
C GLN B 115 -6.93 5.39 15.27
N GLU B 116 -6.51 6.06 14.22
CA GLU B 116 -7.29 6.12 12.99
C GLU B 116 -7.07 4.91 12.10
N PHE B 117 -6.08 4.09 12.44
CA PHE B 117 -5.78 2.92 11.64
C PHE B 117 -5.81 1.57 12.37
N PRO B 118 -7.01 1.12 12.76
CA PRO B 118 -7.23 -0.15 13.46
C PRO B 118 -6.68 -1.33 12.69
N THR B 119 -5.96 -2.22 13.39
CA THR B 119 -5.41 -3.41 12.75
C THR B 119 -5.98 -4.69 13.34
N TYR B 120 -7.00 -4.57 14.18
CA TYR B 120 -7.58 -5.78 14.78
C TYR B 120 -8.51 -6.51 13.83
N VAL B 121 -8.28 -7.81 13.72
CA VAL B 121 -9.09 -8.68 12.87
C VAL B 121 -9.38 -9.97 13.64
N GLU B 122 -10.65 -10.24 13.87
CA GLU B 122 -11.03 -11.45 14.58
C GLU B 122 -10.64 -12.66 13.75
N PRO B 123 -9.96 -13.64 14.36
CA PRO B 123 -9.55 -14.84 13.63
C PRO B 123 -10.73 -15.79 13.49
N THR B 124 -10.50 -16.94 12.86
CA THR B 124 -11.54 -17.96 12.68
C THR B 124 -11.70 -18.72 14.01
N ASN B 125 -12.86 -19.34 14.19
CA ASN B 125 -13.13 -20.12 15.40
C ASN B 125 -11.93 -21.01 15.76
N ASP B 126 -11.42 -21.76 14.79
CA ASP B 126 -10.29 -22.65 15.02
C ASP B 126 -9.07 -21.91 15.53
N GLU B 127 -8.75 -20.76 14.92
CA GLU B 127 -7.60 -19.99 15.37
C GLU B 127 -7.81 -19.48 16.80
N ILE B 128 -9.02 -19.02 17.08
CA ILE B 128 -9.35 -18.51 18.42
C ILE B 128 -9.14 -19.58 19.49
N CYS B 129 -9.74 -20.75 19.32
CA CYS B 129 -9.61 -21.80 20.30
C CYS B 129 -8.21 -22.38 20.41
N GLU B 130 -7.45 -22.35 19.31
CA GLU B 130 -6.09 -22.85 19.34
C GLU B 130 -5.32 -22.05 20.39
N ALA B 131 -5.28 -20.75 20.20
CA ALA B 131 -4.57 -19.84 21.11
C ALA B 131 -5.11 -19.89 22.53
N PHE B 132 -6.43 -19.92 22.67
CA PHE B 132 -7.06 -19.94 23.98
C PHE B 132 -6.68 -21.15 24.83
N ARG B 133 -6.44 -22.28 24.17
CA ARG B 133 -6.07 -23.48 24.90
C ARG B 133 -4.59 -23.51 25.27
N LYS B 134 -3.73 -23.01 24.38
CA LYS B 134 -2.30 -22.99 24.65
C LYS B 134 -2.01 -22.19 25.92
N ASP B 135 -2.64 -21.03 26.06
CA ASP B 135 -2.46 -20.16 27.23
C ASP B 135 -3.68 -19.24 27.37
N PRO B 136 -4.73 -19.73 28.05
CA PRO B 136 -6.00 -19.05 28.31
C PRO B 136 -5.89 -17.63 28.89
N LYS B 137 -5.03 -17.47 29.88
CA LYS B 137 -4.85 -16.18 30.52
C LYS B 137 -4.13 -15.22 29.58
N GLU B 138 -3.11 -15.73 28.90
CA GLU B 138 -2.35 -14.92 27.95
C GLU B 138 -3.31 -14.45 26.87
N TYR B 139 -4.15 -15.37 26.39
CA TYR B 139 -5.11 -15.03 25.35
C TYR B 139 -5.97 -13.85 25.78
N ALA B 140 -6.51 -13.96 26.99
CA ALA B 140 -7.38 -12.92 27.53
C ALA B 140 -6.68 -11.57 27.63
N ASN B 141 -5.50 -11.55 28.22
CA ASN B 141 -4.77 -10.31 28.37
C ASN B 141 -4.45 -9.72 27.01
N GLN B 142 -3.97 -10.55 26.10
CA GLN B 142 -3.61 -10.11 24.77
C GLN B 142 -4.82 -9.49 24.07
N PHE B 143 -5.98 -10.11 24.23
CA PHE B 143 -7.20 -9.61 23.61
C PHE B 143 -7.70 -8.33 24.24
N MET B 144 -7.64 -8.24 25.55
CA MET B 144 -8.10 -7.04 26.22
C MET B 144 -7.21 -5.87 25.78
N TRP B 145 -5.91 -6.13 25.69
CA TRP B 145 -4.98 -5.08 25.29
C TRP B 145 -5.15 -4.70 23.82
N GLU B 146 -5.19 -5.69 22.93
CA GLU B 146 -5.29 -5.37 21.53
C GLU B 146 -6.60 -4.68 21.17
N TYR B 147 -7.71 -5.21 21.69
CA TYR B 147 -9.01 -4.65 21.40
C TYR B 147 -9.14 -3.24 21.97
N SER B 148 -8.66 -3.04 23.19
CA SER B 148 -8.74 -1.75 23.85
C SER B 148 -7.84 -0.67 23.23
N THR B 149 -6.66 -1.03 22.73
CA THR B 149 -5.78 -0.01 22.12
C THR B 149 -6.26 0.36 20.72
N ASN B 150 -6.97 -0.55 20.09
CA ASN B 150 -7.51 -0.33 18.75
C ASN B 150 -8.80 0.51 18.76
N TYR B 151 -9.65 0.26 19.75
CA TYR B 151 -10.92 0.95 19.86
C TYR B 151 -11.04 1.77 21.16
N GLY B 152 -9.90 2.33 21.57
CA GLY B 152 -9.81 3.11 22.79
C GLY B 152 -10.62 4.38 22.92
N GLN B 153 -11.25 4.83 21.84
CA GLN B 153 -12.04 6.05 21.92
C GLN B 153 -13.49 5.72 22.30
N ALA B 154 -13.77 4.44 22.51
CA ALA B 154 -15.09 4.02 22.94
C ALA B 154 -15.06 4.13 24.47
N PRO B 155 -16.24 4.17 25.12
CA PRO B 155 -16.22 4.29 26.58
C PRO B 155 -15.47 3.14 27.28
N LEU B 156 -14.66 3.48 28.27
CA LEU B 156 -13.95 2.47 29.04
C LEU B 156 -14.93 1.39 29.49
N SER B 157 -16.09 1.84 29.96
CA SER B 157 -17.14 0.97 30.44
C SER B 157 -17.62 -0.04 29.37
N LEU B 158 -17.70 0.40 28.11
CA LEU B 158 -18.14 -0.44 27.01
C LEU B 158 -17.09 -1.50 26.66
N LEU B 159 -15.83 -1.08 26.62
CA LEU B 159 -14.70 -1.96 26.31
C LEU B 159 -14.62 -3.06 27.36
N VAL B 160 -14.79 -2.68 28.62
CA VAL B 160 -14.75 -3.66 29.72
C VAL B 160 -15.89 -4.68 29.51
N SER B 161 -17.10 -4.17 29.31
CA SER B 161 -18.27 -4.99 29.09
C SER B 161 -18.16 -5.90 27.84
N TYR B 162 -17.72 -5.35 26.72
CA TYR B 162 -17.62 -6.19 25.52
C TYR B 162 -16.52 -7.25 25.61
N THR B 163 -15.31 -6.85 25.98
CA THR B 163 -14.24 -7.85 26.08
C THR B 163 -14.58 -8.91 27.11
N LYS B 164 -15.37 -8.52 28.10
CA LYS B 164 -15.77 -9.47 29.14
C LYS B 164 -16.73 -10.50 28.53
N SER B 165 -17.73 -10.02 27.79
CA SER B 165 -18.69 -10.92 27.15
C SER B 165 -18.03 -11.72 26.05
N TYR B 166 -17.11 -11.09 25.34
CA TYR B 166 -16.41 -11.76 24.27
C TYR B 166 -15.62 -12.94 24.85
N LEU B 167 -14.88 -12.69 25.92
CA LEU B 167 -14.11 -13.75 26.52
C LEU B 167 -15.00 -14.81 27.16
N SER B 168 -16.22 -14.43 27.51
CA SER B 168 -17.15 -15.39 28.08
C SER B 168 -17.47 -16.36 26.95
N MET B 169 -17.79 -15.79 25.78
CA MET B 169 -18.10 -16.58 24.59
C MET B 169 -16.97 -17.57 24.26
N VAL B 170 -15.75 -17.05 24.20
CA VAL B 170 -14.58 -17.86 23.89
C VAL B 170 -14.42 -18.99 24.92
N GLY B 171 -14.60 -18.65 26.20
CA GLY B 171 -14.47 -19.65 27.25
C GLY B 171 -15.48 -20.77 27.06
N SER B 172 -16.71 -20.37 26.77
CA SER B 172 -17.80 -21.31 26.56
C SER B 172 -17.61 -22.17 25.30
N CYS B 173 -17.55 -21.53 24.14
CA CYS B 173 -17.43 -22.24 22.87
C CYS B 173 -16.17 -23.06 22.63
N CYS B 174 -15.04 -22.63 23.19
CA CYS B 174 -13.80 -23.40 23.02
C CYS B 174 -13.77 -24.62 23.95
N THR B 175 -14.84 -24.82 24.71
CA THR B 175 -14.95 -25.98 25.60
C THR B 175 -16.26 -26.69 25.24
N SER B 176 -16.79 -26.36 24.07
CA SER B 176 -18.04 -26.92 23.58
C SER B 176 -17.85 -28.22 22.80
N ALA B 177 -18.93 -28.97 22.64
CA ALA B 177 -18.90 -30.21 21.88
C ALA B 177 -19.31 -29.79 20.47
N SER B 178 -20.06 -28.69 20.43
CA SER B 178 -20.54 -28.12 19.16
C SER B 178 -20.11 -26.65 19.06
N PRO B 179 -18.80 -26.41 18.85
CA PRO B 179 -18.22 -25.07 18.73
C PRO B 179 -18.94 -24.14 17.74
N THR B 180 -18.98 -24.55 16.48
CA THR B 180 -19.60 -23.78 15.41
C THR B 180 -20.98 -23.22 15.81
N VAL B 181 -21.84 -24.09 16.33
CA VAL B 181 -23.18 -23.70 16.73
C VAL B 181 -23.09 -22.71 17.90
N CYS B 182 -22.25 -23.05 18.86
CA CYS B 182 -22.05 -22.21 20.04
C CYS B 182 -21.61 -20.81 19.63
N PHE B 183 -20.64 -20.73 18.72
CA PHE B 183 -20.14 -19.44 18.25
C PHE B 183 -21.15 -18.61 17.47
N LEU B 184 -21.91 -19.27 16.61
CA LEU B 184 -22.91 -18.59 15.81
C LEU B 184 -23.92 -17.94 16.74
N LYS B 185 -24.36 -18.71 17.73
CA LYS B 185 -25.34 -18.26 18.70
C LYS B 185 -24.79 -17.12 19.55
N GLU B 186 -23.55 -17.29 20.02
CA GLU B 186 -22.90 -16.28 20.84
C GLU B 186 -22.63 -14.99 20.07
N ARG B 187 -22.13 -15.11 18.85
CA ARG B 187 -21.85 -13.93 18.03
C ARG B 187 -23.12 -13.16 17.71
N LEU B 188 -24.24 -13.87 17.53
CA LEU B 188 -25.50 -13.19 17.24
C LEU B 188 -25.90 -12.32 18.45
N GLN B 189 -25.72 -12.83 19.66
CA GLN B 189 -26.05 -12.05 20.85
C GLN B 189 -25.16 -10.82 21.02
N LEU B 190 -23.87 -10.95 20.69
CA LEU B 190 -22.91 -9.86 20.83
C LEU B 190 -22.79 -8.91 19.63
N LYS B 191 -23.37 -9.29 18.51
CA LYS B 191 -23.32 -8.47 17.30
C LYS B 191 -23.59 -7.01 17.64
N HIS B 192 -24.67 -6.78 18.37
CA HIS B 192 -25.08 -5.46 18.79
C HIS B 192 -23.98 -4.72 19.55
N LEU B 193 -23.51 -5.32 20.64
CA LEU B 193 -22.47 -4.72 21.47
C LEU B 193 -21.16 -4.50 20.69
N SER B 194 -20.84 -5.41 19.78
CA SER B 194 -19.62 -5.30 18.98
C SER B 194 -19.69 -4.09 18.06
N LEU B 195 -20.83 -3.95 17.40
CA LEU B 195 -21.06 -2.85 16.48
C LEU B 195 -21.06 -1.51 17.21
N LEU B 196 -21.67 -1.49 18.39
CA LEU B 196 -21.75 -0.27 19.19
C LEU B 196 -20.37 0.21 19.61
N THR B 197 -19.50 -0.76 19.93
CA THR B 197 -18.14 -0.44 20.35
C THR B 197 -17.30 0.14 19.21
N THR B 198 -17.23 -0.56 18.09
CA THR B 198 -16.43 -0.07 16.96
C THR B 198 -17.05 1.23 16.43
N LEU B 199 -18.38 1.33 16.48
CA LEU B 199 -19.04 2.55 16.04
C LEU B 199 -18.65 3.74 16.94
N SER B 200 -18.76 3.56 18.26
CA SER B 200 -18.40 4.61 19.23
C SER B 200 -16.98 5.09 19.04
N ASN B 201 -16.06 4.13 18.90
CA ASN B 201 -14.66 4.48 18.70
C ASN B 201 -14.47 5.31 17.43
N ARG B 202 -15.05 4.87 16.31
CA ARG B 202 -14.88 5.62 15.07
C ARG B 202 -15.43 7.06 15.11
N VAL B 203 -16.72 7.23 15.42
CA VAL B 203 -17.27 8.58 15.47
C VAL B 203 -16.53 9.42 16.50
N CYS B 204 -16.25 8.86 17.68
CA CYS B 204 -15.53 9.63 18.69
C CYS B 204 -14.06 9.94 18.33
N SER B 205 -13.41 9.05 17.59
CA SER B 205 -12.04 9.28 17.15
C SER B 205 -12.05 10.46 16.15
N GLN B 206 -13.07 10.52 15.29
CA GLN B 206 -13.15 11.62 14.33
C GLN B 206 -13.39 12.89 15.16
N TYR B 207 -14.34 12.82 16.09
CA TYR B 207 -14.65 13.97 16.94
C TYR B 207 -13.43 14.44 17.74
N ALA B 208 -12.67 13.50 18.29
CA ALA B 208 -11.48 13.87 19.07
C ALA B 208 -10.46 14.55 18.17
N ALA B 209 -10.41 14.13 16.91
CA ALA B 209 -9.46 14.70 15.96
C ALA B 209 -9.83 16.14 15.60
N TYR B 210 -11.10 16.36 15.31
CA TYR B 210 -11.59 17.68 14.90
C TYR B 210 -11.95 18.66 16.02
N GLY B 211 -12.73 18.20 16.98
CA GLY B 211 -13.18 19.07 18.05
C GLY B 211 -14.56 19.54 17.63
N GLU B 212 -15.38 19.93 18.60
CA GLU B 212 -16.75 20.36 18.34
C GLU B 212 -16.98 21.23 17.10
N LYS B 213 -16.31 22.37 17.03
CA LYS B 213 -16.50 23.27 15.89
C LYS B 213 -16.24 22.59 14.55
N LYS B 214 -15.03 22.08 14.34
CA LYS B 214 -14.70 21.42 13.07
C LYS B 214 -15.57 20.19 12.83
N SER B 215 -15.91 19.50 13.90
CA SER B 215 -16.74 18.31 13.79
C SER B 215 -18.09 18.68 13.16
N ARG B 216 -18.68 19.76 13.67
CA ARG B 216 -19.96 20.25 13.18
C ARG B 216 -19.85 20.60 11.69
N LEU B 217 -18.86 21.41 11.35
CA LEU B 217 -18.64 21.80 9.97
C LEU B 217 -18.46 20.55 9.11
N SER B 218 -17.78 19.56 9.67
CA SER B 218 -17.51 18.27 9.01
C SER B 218 -18.78 17.48 8.67
N ASN B 219 -19.68 17.40 9.64
CA ASN B 219 -20.92 16.68 9.43
C ASN B 219 -21.88 17.36 8.46
N LEU B 220 -21.75 18.68 8.34
CA LEU B 220 -22.60 19.44 7.44
C LEU B 220 -22.07 19.22 6.03
N ILE B 221 -20.75 19.18 5.89
CA ILE B 221 -20.16 18.93 4.59
C ILE B 221 -20.59 17.53 4.10
N LYS B 222 -20.48 16.53 4.98
CA LYS B 222 -20.84 15.18 4.63
C LYS B 222 -22.32 15.03 4.24
N LEU B 223 -23.22 15.64 5.02
CA LEU B 223 -24.65 15.57 4.72
C LEU B 223 -24.96 16.23 3.38
N ALA B 224 -24.22 17.29 3.08
CA ALA B 224 -24.41 18.02 1.83
C ALA B 224 -23.93 17.18 0.64
N GLN B 225 -22.92 16.36 0.85
CA GLN B 225 -22.40 15.53 -0.23
C GLN B 225 -23.22 14.27 -0.40
N LYS B 226 -23.93 13.88 0.65
CA LYS B 226 -24.80 12.70 0.59
C LYS B 226 -26.18 13.07 0.05
N VAL B 227 -26.59 14.33 0.18
CA VAL B 227 -27.89 14.79 -0.34
C VAL B 227 -27.78 16.19 -0.94
N PRO B 228 -26.97 16.36 -1.99
CA PRO B 228 -26.79 17.66 -2.64
C PRO B 228 -28.09 18.11 -3.30
N THR B 229 -29.16 17.37 -3.01
CA THR B 229 -30.46 17.64 -3.59
C THR B 229 -31.39 18.35 -2.61
N ALA B 230 -31.16 18.15 -1.32
CA ALA B 230 -31.99 18.77 -0.28
C ALA B 230 -31.55 20.23 -0.11
N ASP B 231 -32.16 20.93 0.85
CA ASP B 231 -31.74 22.30 1.11
C ASP B 231 -31.25 22.43 2.54
N LEU B 232 -30.34 23.36 2.75
CA LEU B 232 -29.72 23.63 4.04
C LEU B 232 -30.59 23.27 5.26
N GLU B 233 -31.83 23.74 5.23
CA GLU B 233 -32.75 23.51 6.34
C GLU B 233 -33.03 22.04 6.60
N ASP B 234 -32.80 21.20 5.60
CA ASP B 234 -33.04 19.77 5.75
C ASP B 234 -31.94 19.04 6.51
N VAL B 235 -30.70 19.49 6.33
CA VAL B 235 -29.57 18.83 6.96
C VAL B 235 -28.96 19.46 8.20
N LEU B 236 -28.87 20.78 8.24
CA LEU B 236 -28.29 21.46 9.38
C LEU B 236 -28.78 20.97 10.74
N PRO B 237 -30.10 20.81 10.91
CA PRO B 237 -30.51 20.32 12.24
C PRO B 237 -29.89 18.96 12.55
N LEU B 238 -29.67 18.17 11.52
CA LEU B 238 -29.07 16.84 11.70
C LEU B 238 -27.59 17.01 12.03
N ALA B 239 -26.91 17.85 11.26
CA ALA B 239 -25.49 18.11 11.50
C ALA B 239 -25.29 18.55 12.93
N GLU B 240 -26.17 19.43 13.41
CA GLU B 240 -26.06 19.93 14.78
C GLU B 240 -26.43 18.88 15.81
N ASP B 241 -27.52 18.16 15.57
CA ASP B 241 -27.95 17.15 16.53
C ASP B 241 -26.91 16.06 16.75
N ILE B 242 -26.20 15.66 15.70
CA ILE B 242 -25.19 14.63 15.85
C ILE B 242 -23.96 15.22 16.56
N THR B 243 -23.72 16.51 16.34
CA THR B 243 -22.60 17.17 17.00
C THR B 243 -22.83 17.15 18.52
N ASN B 244 -24.07 17.43 18.93
CA ASN B 244 -24.38 17.43 20.36
C ASN B 244 -24.36 16.03 20.95
N ILE B 245 -24.60 15.03 20.12
CA ILE B 245 -24.58 13.66 20.61
C ILE B 245 -23.12 13.25 20.84
N LEU B 246 -22.24 13.70 19.95
CA LEU B 246 -20.83 13.38 20.08
C LEU B 246 -20.20 14.12 21.24
N SER B 247 -20.54 15.41 21.36
CA SER B 247 -20.02 16.26 22.44
C SER B 247 -20.32 15.63 23.79
N LYS B 248 -21.54 15.12 23.93
CA LYS B 248 -21.96 14.49 25.17
C LYS B 248 -21.42 13.09 25.37
N CYS B 249 -21.74 12.19 24.45
CA CYS B 249 -21.31 10.80 24.57
C CYS B 249 -19.80 10.50 24.49
N CYS B 250 -19.08 11.21 23.64
CA CYS B 250 -17.64 10.95 23.54
C CYS B 250 -16.89 11.41 24.78
N GLU B 251 -17.58 12.17 25.64
CA GLU B 251 -16.99 12.71 26.85
C GLU B 251 -17.66 12.15 28.11
N SER B 252 -18.50 11.13 27.92
CA SER B 252 -19.21 10.47 29.01
C SER B 252 -18.61 9.10 29.30
N ALA B 253 -18.73 8.66 30.55
CA ALA B 253 -18.20 7.35 30.94
C ALA B 253 -19.35 6.35 30.90
N SER B 254 -20.52 6.82 30.47
CA SER B 254 -21.71 5.98 30.37
C SER B 254 -21.51 4.99 29.23
N GLU B 255 -21.71 3.71 29.53
CA GLU B 255 -21.52 2.67 28.51
C GLU B 255 -22.60 2.60 27.44
N ASP B 256 -23.67 3.39 27.58
CA ASP B 256 -24.74 3.34 26.59
C ASP B 256 -25.30 4.70 26.15
N CYS B 257 -24.53 5.75 26.38
CA CYS B 257 -24.95 7.09 25.98
C CYS B 257 -25.22 7.09 24.47
N MET B 258 -24.33 6.44 23.72
CA MET B 258 -24.47 6.35 22.26
C MET B 258 -25.70 5.56 21.89
N ALA B 259 -25.87 4.40 22.51
CA ALA B 259 -27.02 3.54 22.25
C ALA B 259 -28.36 4.23 22.54
N LYS B 260 -28.39 5.10 23.55
CA LYS B 260 -29.61 5.81 23.94
C LYS B 260 -29.93 7.03 23.10
N GLU B 261 -28.96 7.53 22.34
CA GLU B 261 -29.17 8.72 21.52
C GLU B 261 -29.43 8.46 20.03
N LEU B 262 -28.83 7.40 19.50
CA LEU B 262 -29.00 7.09 18.08
C LEU B 262 -30.46 6.87 17.65
N PRO B 263 -31.23 6.14 18.45
CA PRO B 263 -32.64 5.88 18.13
C PRO B 263 -33.45 7.10 17.69
N GLU B 264 -33.48 8.13 18.53
CA GLU B 264 -34.23 9.33 18.20
C GLU B 264 -33.54 10.12 17.10
N HIS B 265 -32.22 10.02 17.03
CA HIS B 265 -31.46 10.73 16.00
C HIS B 265 -31.82 10.16 14.62
N THR B 266 -31.89 8.84 14.54
CA THR B 266 -32.23 8.20 13.28
C THR B 266 -33.67 8.55 12.86
N VAL B 267 -34.54 8.76 13.86
CA VAL B 267 -35.91 9.13 13.55
C VAL B 267 -35.94 10.48 12.84
N LYS B 268 -35.28 11.48 13.41
CA LYS B 268 -35.24 12.79 12.78
C LYS B 268 -34.63 12.68 11.40
N LEU B 269 -33.53 11.94 11.34
CA LEU B 269 -32.78 11.76 10.08
C LEU B 269 -33.68 11.20 8.98
N CYS B 270 -34.42 10.14 9.31
CA CYS B 270 -35.31 9.53 8.36
C CYS B 270 -36.50 10.43 8.05
N ASP B 271 -37.08 11.07 9.08
CA ASP B 271 -38.21 11.95 8.83
C ASP B 271 -37.83 13.12 7.95
N ASN B 272 -36.57 13.55 8.04
CA ASN B 272 -36.09 14.64 7.22
C ASN B 272 -35.69 14.22 5.81
N LEU B 273 -34.93 13.14 5.72
CA LEU B 273 -34.41 12.71 4.43
C LEU B 273 -35.06 11.51 3.72
N SER B 274 -35.80 10.69 4.46
CA SER B 274 -36.44 9.50 3.89
C SER B 274 -37.09 9.69 2.51
N THR B 275 -37.59 10.88 2.23
CA THR B 275 -38.24 11.18 0.96
C THR B 275 -37.40 12.10 0.07
N LYS B 276 -36.18 12.41 0.52
CA LYS B 276 -35.31 13.30 -0.25
C LYS B 276 -34.47 12.57 -1.29
N ASN B 277 -34.03 11.35 -0.98
CA ASN B 277 -33.29 10.55 -1.96
C ASN B 277 -33.32 9.06 -1.64
N SER B 278 -33.01 8.27 -2.66
CA SER B 278 -33.01 6.81 -2.58
C SER B 278 -32.06 6.24 -1.53
N LYS B 279 -30.82 6.75 -1.50
CA LYS B 279 -29.83 6.27 -0.53
C LYS B 279 -30.33 6.30 0.91
N PHE B 280 -30.92 7.43 1.31
CA PHE B 280 -31.44 7.52 2.68
C PHE B 280 -32.67 6.67 2.90
N GLU B 281 -33.56 6.59 1.91
CA GLU B 281 -34.74 5.75 2.05
C GLU B 281 -34.25 4.33 2.28
N ASP B 282 -33.22 3.92 1.54
CA ASP B 282 -32.66 2.58 1.69
C ASP B 282 -32.13 2.42 3.11
N CYS B 283 -31.29 3.36 3.54
CA CYS B 283 -30.74 3.29 4.89
C CYS B 283 -31.85 3.23 5.94
N CYS B 284 -32.87 4.06 5.77
CA CYS B 284 -33.97 4.12 6.71
C CYS B 284 -34.84 2.85 6.74
N GLN B 285 -34.50 1.88 5.91
CA GLN B 285 -35.24 0.62 5.87
C GLN B 285 -34.55 -0.42 6.74
N GLU B 286 -33.34 -0.12 7.19
CA GLU B 286 -32.58 -1.04 8.04
C GLU B 286 -33.40 -1.39 9.28
N LYS B 287 -33.15 -2.58 9.82
CA LYS B 287 -33.88 -3.04 10.99
C LYS B 287 -33.66 -2.23 12.26
N THR B 288 -32.41 -2.15 12.72
CA THR B 288 -32.09 -1.40 13.94
C THR B 288 -31.66 0.03 13.66
N ALA B 289 -31.77 0.87 14.68
CA ALA B 289 -31.39 2.28 14.55
C ALA B 289 -29.89 2.39 14.34
N MET B 290 -29.15 1.45 14.93
CA MET B 290 -27.70 1.46 14.80
C MET B 290 -27.31 1.16 13.35
N ASP B 291 -28.05 0.26 12.71
CA ASP B 291 -27.76 -0.08 11.32
C ASP B 291 -28.08 1.11 10.43
N VAL B 292 -29.16 1.81 10.74
CA VAL B 292 -29.55 2.98 9.97
C VAL B 292 -28.46 4.06 10.05
N PHE B 293 -28.04 4.37 11.27
CA PHE B 293 -27.01 5.39 11.45
C PHE B 293 -25.72 5.01 10.73
N VAL B 294 -25.34 3.74 10.82
CA VAL B 294 -24.12 3.26 10.17
C VAL B 294 -24.23 3.44 8.67
N CYS B 295 -25.33 2.94 8.12
CA CYS B 295 -25.59 3.03 6.70
C CYS B 295 -25.52 4.49 6.21
N THR B 296 -26.00 5.43 7.02
CA THR B 296 -26.01 6.84 6.62
C THR B 296 -24.74 7.63 6.95
N TYR B 297 -24.29 7.54 8.19
CA TYR B 297 -23.11 8.27 8.63
C TYR B 297 -21.85 7.89 7.83
N PHE B 298 -21.84 6.70 7.24
CA PHE B 298 -20.71 6.25 6.45
C PHE B 298 -21.07 5.96 4.97
N MET B 299 -22.20 6.52 4.53
CA MET B 299 -22.67 6.39 3.15
C MET B 299 -21.73 7.17 2.23
N PRO B 300 -21.55 6.71 0.98
CA PRO B 300 -20.65 7.43 0.06
C PRO B 300 -21.22 8.78 -0.40
N ALA B 301 -20.37 9.63 -0.95
CA ALA B 301 -20.80 10.92 -1.47
C ALA B 301 -21.67 10.62 -2.69
N ALA B 302 -22.74 11.39 -2.86
CA ALA B 302 -23.61 11.20 -4.01
C ALA B 302 -22.92 11.84 -5.21
N GLN B 303 -23.42 11.54 -6.41
CA GLN B 303 -22.88 12.14 -7.62
C GLN B 303 -23.32 13.60 -7.51
N LEU B 304 -22.37 14.51 -7.38
CA LEU B 304 -22.68 15.93 -7.24
C LEU B 304 -23.31 16.50 -8.50
N PRO B 305 -24.47 17.17 -8.36
CA PRO B 305 -25.23 17.80 -9.43
C PRO B 305 -24.50 18.90 -10.19
N GLU B 306 -23.43 19.43 -9.60
CA GLU B 306 -22.67 20.51 -10.24
C GLU B 306 -23.61 21.73 -10.35
N LEU B 307 -24.26 22.04 -9.23
CA LEU B 307 -25.19 23.15 -9.10
C LEU B 307 -24.48 24.49 -9.36
N PRO B 308 -25.18 25.61 -9.14
CA PRO B 308 -24.55 26.91 -9.37
C PRO B 308 -23.31 27.14 -8.50
N ASP B 309 -22.32 27.80 -9.10
CA ASP B 309 -21.07 28.12 -8.41
C ASP B 309 -21.49 29.00 -7.22
N VAL B 310 -20.77 28.90 -6.10
CA VAL B 310 -21.11 29.70 -4.94
C VAL B 310 -20.10 30.82 -4.72
N GLU B 311 -20.55 31.88 -4.05
CA GLU B 311 -19.68 33.02 -3.77
C GLU B 311 -19.35 33.14 -2.29
N LEU B 312 -18.08 33.42 -2.01
CA LEU B 312 -17.65 33.59 -0.63
C LEU B 312 -18.53 34.63 0.02
N PRO B 313 -18.87 34.44 1.30
CA PRO B 313 -19.71 35.39 2.02
C PRO B 313 -18.94 36.67 2.35
N THR B 314 -18.90 37.61 1.41
CA THR B 314 -18.19 38.87 1.62
C THR B 314 -19.12 40.00 2.06
N ASN B 315 -19.45 40.02 3.35
CA ASN B 315 -20.32 41.04 3.92
C ASN B 315 -20.40 40.91 5.45
N LYS B 316 -21.09 41.83 6.10
CA LYS B 316 -21.23 41.82 7.56
C LYS B 316 -22.12 40.71 8.10
N ASP B 317 -22.85 40.04 7.22
CA ASP B 317 -23.75 38.97 7.64
C ASP B 317 -22.99 37.87 8.38
N VAL B 318 -21.80 37.55 7.88
CA VAL B 318 -20.96 36.53 8.49
C VAL B 318 -20.29 37.05 9.75
N CYS B 319 -20.62 38.29 10.13
CA CYS B 319 -20.02 38.91 11.30
C CYS B 319 -20.88 38.79 12.56
N ASP B 320 -21.99 38.06 12.47
CA ASP B 320 -22.87 37.87 13.62
C ASP B 320 -22.53 36.56 14.33
N PRO B 321 -21.88 36.65 15.50
CA PRO B 321 -21.50 35.47 16.28
C PRO B 321 -22.71 34.63 16.69
N GLY B 322 -23.87 35.25 16.71
CA GLY B 322 -25.09 34.55 17.08
C GLY B 322 -25.60 33.67 15.97
N ASN B 323 -25.60 34.18 14.74
CA ASN B 323 -26.07 33.43 13.59
C ASN B 323 -24.96 33.11 12.58
N THR B 324 -24.57 31.84 12.55
CA THR B 324 -23.53 31.38 11.64
C THR B 324 -24.19 30.94 10.34
N LYS B 325 -25.50 31.15 10.26
CA LYS B 325 -26.29 30.78 9.09
C LYS B 325 -25.57 31.02 7.76
N VAL B 326 -25.18 32.26 7.51
CA VAL B 326 -24.50 32.62 6.27
C VAL B 326 -23.27 31.73 6.04
N MET B 327 -22.57 31.39 7.11
CA MET B 327 -21.39 30.54 7.02
C MET B 327 -21.81 29.12 6.68
N ASP B 328 -22.86 28.66 7.37
CA ASP B 328 -23.39 27.33 7.15
C ASP B 328 -23.89 27.19 5.73
N LYS B 329 -24.68 28.17 5.29
CA LYS B 329 -25.23 28.15 3.94
C LYS B 329 -24.13 28.04 2.92
N TYR B 330 -23.04 28.75 3.15
CA TYR B 330 -21.92 28.70 2.20
C TYR B 330 -21.24 27.34 2.23
N THR B 331 -21.00 26.81 3.42
CA THR B 331 -20.34 25.52 3.52
C THR B 331 -21.19 24.49 2.78
N PHE B 332 -22.50 24.50 3.04
CA PHE B 332 -23.43 23.59 2.40
C PHE B 332 -23.40 23.73 0.88
N GLU B 333 -23.58 24.95 0.39
CA GLU B 333 -23.60 25.23 -1.05
C GLU B 333 -22.33 24.82 -1.77
N LEU B 334 -21.17 25.09 -1.15
CA LEU B 334 -19.90 24.75 -1.76
C LEU B 334 -19.71 23.25 -1.76
N SER B 335 -20.06 22.63 -0.64
CA SER B 335 -19.92 21.20 -0.46
C SER B 335 -20.82 20.37 -1.37
N ARG B 336 -22.07 20.78 -1.55
CA ARG B 336 -22.96 19.99 -2.38
C ARG B 336 -22.66 20.10 -3.86
N ARG B 337 -21.75 20.98 -4.26
CA ARG B 337 -21.43 21.12 -5.68
C ARG B 337 -19.96 20.92 -6.04
N THR B 338 -19.13 20.64 -5.04
CA THR B 338 -17.71 20.46 -5.29
C THR B 338 -17.23 19.03 -5.08
N HIS B 339 -16.85 18.36 -6.17
CA HIS B 339 -16.34 17.01 -6.05
C HIS B 339 -14.92 17.05 -5.47
N LEU B 340 -14.86 17.04 -4.14
CA LEU B 340 -13.63 17.07 -3.37
C LEU B 340 -14.02 16.39 -2.08
N PRO B 341 -13.14 15.57 -1.50
CA PRO B 341 -13.57 14.93 -0.25
C PRO B 341 -13.60 15.86 0.95
N GLU B 342 -14.44 15.49 1.93
CA GLU B 342 -14.60 16.26 3.16
C GLU B 342 -13.30 16.58 3.93
N VAL B 343 -12.29 15.71 3.92
CA VAL B 343 -11.07 16.05 4.66
C VAL B 343 -10.43 17.29 4.06
N PHE B 344 -10.54 17.44 2.74
CA PHE B 344 -9.97 18.60 2.06
C PHE B 344 -10.83 19.83 2.37
N LEU B 345 -12.14 19.66 2.22
CA LEU B 345 -13.09 20.73 2.44
C LEU B 345 -13.03 21.32 3.83
N SER B 346 -13.08 20.47 4.84
CA SER B 346 -13.00 20.93 6.22
C SER B 346 -11.67 21.64 6.46
N LYS B 347 -10.64 21.18 5.76
CA LYS B 347 -9.32 21.74 5.92
C LYS B 347 -9.21 23.16 5.36
N VAL B 348 -9.84 23.40 4.22
CA VAL B 348 -9.77 24.70 3.59
C VAL B 348 -10.84 25.67 4.09
N LEU B 349 -11.99 25.14 4.50
CA LEU B 349 -13.07 25.98 4.99
C LEU B 349 -12.82 26.65 6.33
N GLU B 350 -12.28 25.91 7.29
CA GLU B 350 -12.03 26.47 8.61
C GLU B 350 -11.24 27.78 8.51
N PRO B 351 -10.06 27.74 7.88
CA PRO B 351 -9.25 28.97 7.74
C PRO B 351 -9.86 29.97 6.76
N THR B 352 -10.70 29.49 5.85
CA THR B 352 -11.31 30.39 4.89
C THR B 352 -12.44 31.17 5.57
N LEU B 353 -13.26 30.49 6.36
CA LEU B 353 -14.34 31.17 7.04
C LEU B 353 -13.78 32.09 8.12
N LYS B 354 -12.73 31.63 8.78
CA LYS B 354 -12.08 32.41 9.84
C LYS B 354 -11.47 33.69 9.25
N SER B 355 -10.84 33.56 8.09
CA SER B 355 -10.20 34.69 7.43
C SER B 355 -11.22 35.80 7.10
N LEU B 356 -12.45 35.41 6.80
CA LEU B 356 -13.48 36.39 6.49
C LEU B 356 -13.88 37.16 7.75
N GLY B 357 -13.77 36.49 8.90
CA GLY B 357 -14.11 37.13 10.16
C GLY B 357 -13.22 38.30 10.50
N GLU B 358 -11.94 38.19 10.17
CA GLU B 358 -10.97 39.25 10.44
C GLU B 358 -11.40 40.55 9.77
N CYS B 359 -12.38 40.46 8.87
CA CYS B 359 -12.88 41.63 8.16
C CYS B 359 -14.06 42.23 8.89
N CYS B 360 -14.33 41.74 10.10
CA CYS B 360 -15.46 42.24 10.88
C CYS B 360 -15.09 43.41 11.79
N ASP B 361 -14.40 43.11 12.89
CA ASP B 361 -14.00 44.16 13.83
C ASP B 361 -12.83 44.96 13.27
N VAL B 362 -13.07 45.70 12.19
CA VAL B 362 -12.03 46.52 11.56
C VAL B 362 -12.53 47.92 11.20
N GLU B 363 -11.59 48.78 10.80
CA GLU B 363 -11.91 50.16 10.42
C GLU B 363 -13.17 50.26 9.57
N ASP B 364 -13.23 49.47 8.50
CA ASP B 364 -14.38 49.46 7.61
C ASP B 364 -14.47 48.14 6.86
N SER B 365 -15.51 47.36 7.18
CA SER B 365 -15.71 46.06 6.57
C SER B 365 -15.90 46.13 5.06
N THR B 366 -16.82 46.99 4.61
CA THR B 366 -17.12 47.14 3.19
C THR B 366 -15.95 47.70 2.37
N THR B 367 -14.74 47.36 2.78
CA THR B 367 -13.52 47.78 2.09
C THR B 367 -12.56 46.63 2.27
N CYS B 368 -12.65 46.02 3.45
CA CYS B 368 -11.82 44.88 3.82
C CYS B 368 -12.19 43.71 2.92
N PHE B 369 -13.48 43.35 2.92
CA PHE B 369 -13.95 42.25 2.10
C PHE B 369 -13.61 42.49 0.63
N ASN B 370 -13.70 43.74 0.19
CA ASN B 370 -13.39 44.08 -1.19
C ASN B 370 -11.95 43.71 -1.53
N ALA B 371 -11.05 43.96 -0.58
CA ALA B 371 -9.63 43.67 -0.77
C ALA B 371 -9.29 42.22 -0.47
N LYS B 372 -10.00 41.61 0.48
CA LYS B 372 -9.76 40.22 0.85
C LYS B 372 -10.45 39.26 -0.10
N GLY B 373 -11.71 39.58 -0.43
CA GLY B 373 -12.49 38.75 -1.33
C GLY B 373 -11.71 38.15 -2.49
N PRO B 374 -11.05 38.98 -3.32
CA PRO B 374 -10.29 38.43 -4.45
C PRO B 374 -9.15 37.50 -4.01
N LEU B 375 -8.51 37.83 -2.89
CA LEU B 375 -7.40 37.03 -2.40
C LEU B 375 -7.74 35.60 -1.97
N LEU B 376 -8.63 35.45 -0.99
CA LEU B 376 -8.99 34.11 -0.53
C LEU B 376 -9.83 33.32 -1.53
N LYS B 377 -10.44 34.02 -2.48
CA LYS B 377 -11.23 33.33 -3.51
C LYS B 377 -10.23 32.61 -4.41
N LYS B 378 -9.15 33.30 -4.72
CA LYS B 378 -8.08 32.75 -5.55
C LYS B 378 -7.38 31.64 -4.79
N GLU B 379 -7.24 31.81 -3.48
CA GLU B 379 -6.60 30.80 -2.66
C GLU B 379 -7.52 29.57 -2.55
N LEU B 380 -8.81 29.79 -2.33
CA LEU B 380 -9.75 28.69 -2.22
C LEU B 380 -9.79 27.83 -3.49
N SER B 381 -10.05 28.47 -4.63
CA SER B 381 -10.14 27.75 -5.90
C SER B 381 -8.83 27.01 -6.23
N SER B 382 -7.71 27.65 -5.95
CA SER B 382 -6.41 27.03 -6.21
C SER B 382 -6.27 25.77 -5.37
N PHE B 383 -6.62 25.87 -4.09
CA PHE B 383 -6.55 24.72 -3.20
C PHE B 383 -7.42 23.60 -3.74
N ILE B 384 -8.68 23.94 -4.02
CA ILE B 384 -9.64 22.98 -4.57
C ILE B 384 -9.12 22.36 -5.86
N ASP B 385 -8.53 23.16 -6.75
CA ASP B 385 -8.01 22.63 -8.00
C ASP B 385 -6.93 21.59 -7.75
N LYS B 386 -5.91 21.96 -6.99
CA LYS B 386 -4.81 21.05 -6.65
C LYS B 386 -5.37 19.82 -5.91
N GLY B 387 -6.41 20.03 -5.12
CA GLY B 387 -7.01 18.94 -4.41
C GLY B 387 -7.68 17.96 -5.37
N GLN B 388 -8.41 18.51 -6.33
CA GLN B 388 -9.10 17.69 -7.31
C GLN B 388 -8.10 16.95 -8.19
N GLU B 389 -6.92 17.52 -8.33
CA GLU B 389 -5.88 16.86 -9.12
C GLU B 389 -5.31 15.68 -8.32
N LEU B 390 -5.15 15.86 -7.01
CA LEU B 390 -4.61 14.80 -6.16
C LEU B 390 -5.55 13.61 -6.14
N CYS B 391 -6.86 13.88 -6.15
CA CYS B 391 -7.87 12.83 -6.11
C CYS B 391 -8.45 12.43 -7.46
N ALA B 392 -7.96 13.04 -8.53
CA ALA B 392 -8.44 12.77 -9.89
C ALA B 392 -8.49 11.30 -10.28
N ASP B 393 -9.65 10.89 -10.80
CA ASP B 393 -9.86 9.52 -11.27
C ASP B 393 -10.04 8.47 -10.19
N TYR B 394 -9.73 8.82 -8.95
CA TYR B 394 -9.87 7.85 -7.88
C TYR B 394 -11.28 7.35 -7.60
N SER B 395 -12.25 8.25 -7.53
CA SER B 395 -13.61 7.82 -7.22
C SER B 395 -14.43 7.24 -8.37
N GLU B 396 -14.07 7.58 -9.60
CA GLU B 396 -14.81 7.12 -10.77
C GLU B 396 -14.47 5.71 -11.26
N ASN B 397 -13.25 5.25 -11.03
CA ASN B 397 -12.83 3.93 -11.49
C ASN B 397 -12.50 2.94 -10.37
N THR B 398 -12.12 1.74 -10.78
CA THR B 398 -11.71 0.70 -9.84
C THR B 398 -10.25 1.03 -9.60
N PHE B 399 -9.75 0.73 -8.41
CA PHE B 399 -8.36 1.02 -8.08
C PHE B 399 -7.39 0.67 -9.21
N THR B 400 -7.63 -0.44 -9.89
CA THR B 400 -6.75 -0.86 -10.97
C THR B 400 -6.80 0.08 -12.18
N GLU B 401 -8.00 0.42 -12.61
CA GLU B 401 -8.16 1.33 -13.75
C GLU B 401 -7.64 2.70 -13.37
N TYR B 402 -7.79 3.04 -12.09
CA TYR B 402 -7.34 4.33 -11.57
C TYR B 402 -5.83 4.51 -11.71
N LYS B 403 -5.06 3.51 -11.27
CA LYS B 403 -3.61 3.59 -11.37
C LYS B 403 -3.21 3.70 -12.83
N LYS B 404 -3.92 2.97 -13.68
CA LYS B 404 -3.65 2.99 -15.12
C LYS B 404 -3.78 4.43 -15.65
N LYS B 405 -4.92 5.06 -15.40
CA LYS B 405 -5.10 6.43 -15.85
C LYS B 405 -4.09 7.36 -15.16
N LEU B 406 -3.90 7.16 -13.86
CA LEU B 406 -2.97 7.98 -13.08
C LEU B 406 -1.59 7.96 -13.75
N ALA B 407 -1.16 6.76 -14.13
CA ALA B 407 0.14 6.58 -14.80
C ALA B 407 0.15 7.44 -16.07
N GLU B 408 -0.89 7.29 -16.90
CA GLU B 408 -1.00 8.07 -18.14
C GLU B 408 -0.87 9.55 -17.85
N ARG B 409 -1.63 10.06 -16.89
CA ARG B 409 -1.56 11.48 -16.55
C ARG B 409 -0.13 11.86 -16.19
N LEU B 410 0.50 11.02 -15.36
CA LEU B 410 1.86 11.26 -14.92
C LEU B 410 2.88 11.19 -16.08
N LYS B 411 2.62 10.33 -17.06
CA LYS B 411 3.53 10.22 -18.21
C LYS B 411 3.56 11.54 -18.97
N ALA B 412 2.54 12.36 -18.77
CA ALA B 412 2.45 13.65 -19.44
C ALA B 412 3.33 14.68 -18.76
N LYS B 413 3.20 14.80 -17.44
CA LYS B 413 4.00 15.78 -16.71
C LYS B 413 5.49 15.47 -16.71
N LEU B 414 5.85 14.19 -16.74
CA LEU B 414 7.25 13.79 -16.73
C LEU B 414 7.62 12.87 -17.90
N PRO B 415 7.88 13.44 -19.08
CA PRO B 415 8.24 12.64 -20.26
C PRO B 415 9.58 11.89 -20.15
N ASP B 416 10.56 12.49 -19.48
CA ASP B 416 11.87 11.87 -19.33
C ASP B 416 11.97 10.90 -18.15
N ALA B 417 10.95 10.88 -17.30
CA ALA B 417 10.94 9.98 -16.14
C ALA B 417 10.93 8.51 -16.58
N THR B 418 11.81 7.72 -15.97
CA THR B 418 11.91 6.30 -16.28
C THR B 418 10.73 5.53 -15.70
N PRO B 419 10.56 4.27 -16.12
CA PRO B 419 9.45 3.47 -15.61
C PRO B 419 9.52 3.37 -14.08
N THR B 420 10.72 3.22 -13.56
CA THR B 420 10.91 3.12 -12.12
C THR B 420 10.42 4.39 -11.44
N GLU B 421 10.88 5.54 -11.93
CA GLU B 421 10.46 6.82 -11.37
C GLU B 421 8.93 6.94 -11.42
N LEU B 422 8.38 6.74 -12.61
CA LEU B 422 6.94 6.79 -12.80
C LEU B 422 6.25 5.87 -11.78
N ALA B 423 6.77 4.65 -11.64
CA ALA B 423 6.19 3.67 -10.72
C ALA B 423 6.17 4.19 -9.28
N LYS B 424 7.28 4.74 -8.81
CA LYS B 424 7.32 5.28 -7.46
C LYS B 424 6.25 6.36 -7.28
N LEU B 425 6.12 7.23 -8.28
CA LEU B 425 5.15 8.30 -8.25
C LEU B 425 3.72 7.79 -8.25
N VAL B 426 3.45 6.78 -9.07
CA VAL B 426 2.11 6.21 -9.11
C VAL B 426 1.83 5.55 -7.76
N ASN B 427 2.80 4.81 -7.23
CA ASN B 427 2.61 4.15 -5.95
C ASN B 427 2.34 5.16 -4.84
N LYS B 428 3.14 6.23 -4.78
CA LYS B 428 2.98 7.26 -3.77
C LYS B 428 1.63 7.95 -3.86
N ARG B 429 1.24 8.33 -5.07
CA ARG B 429 -0.03 9.03 -5.30
C ARG B 429 -1.27 8.16 -5.14
N SER B 430 -1.24 6.91 -5.64
CA SER B 430 -2.41 6.05 -5.49
C SER B 430 -2.57 5.67 -4.00
N ASP B 431 -1.45 5.59 -3.27
CA ASP B 431 -1.51 5.28 -1.84
C ASP B 431 -2.20 6.44 -1.10
N PHE B 432 -1.82 7.67 -1.45
CA PHE B 432 -2.43 8.85 -0.83
C PHE B 432 -3.94 8.86 -1.11
N ALA B 433 -4.32 8.50 -2.35
CA ALA B 433 -5.73 8.49 -2.75
C ALA B 433 -6.58 7.45 -2.02
N SER B 434 -6.02 6.26 -1.81
CA SER B 434 -6.74 5.19 -1.12
C SER B 434 -7.01 5.58 0.34
N ASN B 435 -6.26 6.54 0.86
CA ASN B 435 -6.45 7.00 2.24
C ASN B 435 -7.18 8.33 2.35
N CYS B 436 -6.91 9.25 1.44
CA CYS B 436 -7.50 10.58 1.54
C CYS B 436 -8.46 11.10 0.47
N CYS B 437 -9.03 10.24 -0.34
CA CYS B 437 -9.96 10.73 -1.36
C CYS B 437 -11.31 10.09 -1.20
N SER B 438 -11.63 9.73 0.02
CA SER B 438 -12.89 9.06 0.33
C SER B 438 -13.63 9.93 1.33
N ILE B 439 -14.97 9.84 1.35
CA ILE B 439 -15.76 10.63 2.27
C ILE B 439 -15.48 10.29 3.72
N ASN B 440 -14.90 9.11 3.95
CA ASN B 440 -14.59 8.65 5.31
C ASN B 440 -13.09 8.58 5.63
N SER B 441 -12.29 9.43 5.00
CA SER B 441 -10.86 9.44 5.23
C SER B 441 -10.48 9.90 6.64
N PRO B 442 -9.35 9.38 7.18
CA PRO B 442 -8.91 9.77 8.52
C PRO B 442 -8.39 11.20 8.55
N PRO B 443 -9.06 12.07 9.33
CA PRO B 443 -8.69 13.48 9.45
C PRO B 443 -7.28 13.79 9.89
N LEU B 444 -6.85 13.28 11.04
CA LEU B 444 -5.49 13.58 11.50
C LEU B 444 -4.41 13.15 10.50
N TYR B 445 -4.54 11.94 9.96
CA TYR B 445 -3.56 11.43 9.01
C TYR B 445 -3.54 12.22 7.71
N CYS B 446 -4.72 12.43 7.13
CA CYS B 446 -4.82 13.16 5.87
C CYS B 446 -4.48 14.64 6.00
N ASP B 447 -4.56 15.20 7.21
CA ASP B 447 -4.23 16.60 7.38
C ASP B 447 -2.78 16.88 6.96
N SER B 448 -1.84 16.15 7.56
CA SER B 448 -0.44 16.34 7.23
C SER B 448 -0.07 15.81 5.85
N GLU B 449 -0.68 14.69 5.45
CA GLU B 449 -0.41 14.14 4.14
C GLU B 449 -0.85 15.10 3.03
N ILE B 450 -2.04 15.71 3.19
CA ILE B 450 -2.53 16.67 2.18
C ILE B 450 -1.51 17.79 2.03
N ASP B 451 -1.02 18.33 3.14
CA ASP B 451 -0.04 19.41 3.08
C ASP B 451 1.16 18.94 2.27
N ALA B 452 1.68 17.77 2.63
CA ALA B 452 2.85 17.22 1.93
C ALA B 452 2.61 16.98 0.45
N GLU B 453 1.37 16.65 0.08
CA GLU B 453 1.04 16.40 -1.33
C GLU B 453 0.77 17.68 -2.10
N LEU B 454 0.34 18.73 -1.41
CA LEU B 454 0.08 20.00 -2.07
C LEU B 454 1.40 20.57 -2.55
N LYS B 455 2.43 20.43 -1.72
CA LYS B 455 3.75 20.94 -2.06
C LYS B 455 4.41 20.24 -3.25
N ASN B 456 3.65 19.48 -4.02
CA ASN B 456 4.18 18.78 -5.18
C ASN B 456 3.59 19.30 -6.50
O2 JY C . 16.25 11.28 -32.47
C1 JY C . 15.53 7.65 -31.33
C2 JY C . 15.80 9.18 -31.23
C3 JY C . 16.33 9.86 -32.55
C4 JY C . 15.55 9.45 -33.84
C5 JY C . 15.21 7.95 -33.88
C6 JY C . 15.42 7.19 -35.10
C7 JY C . 15.44 5.70 -35.11
C8 JY C . 15.02 4.89 -36.14
C9 JY C . 14.40 5.41 -37.46
C10 JY C . 14.68 7.37 -32.57
C11 JY C . 15.10 4.84 -38.72
C12 JY C . 15.22 3.28 -38.69
C13 JY C . 15.88 2.74 -37.36
C14 JY C . 15.13 3.36 -36.14
C15 JY C . 15.78 2.61 -34.92
C16 JY C . 16.07 1.18 -35.48
C17 JY C . 15.59 1.22 -36.95
C18 JY C . 17.41 3.17 -37.41
C19 JY C . 13.50 6.71 -32.50
C20 JY C . 16.10 -0.05 -37.81
C21 JY C . 17.62 -0.02 -38.12
C22 JY C . 15.34 -0.28 -39.16
C23 JY C . 11.58 -1.12 -38.79
C24 JY C . 11.61 -2.53 -38.65
C25 JY C . 12.86 -3.23 -38.68
C26 JY C . 14.07 -2.49 -38.83
C27 JY C . 14.05 -1.07 -38.98
C28 JY C . 12.79 -0.39 -38.95
O1 JY C . 12.85 -4.57 -38.54
C1 OLA D . 27.96 -1.45 -7.46
O1 OLA D . 26.88 -1.95 -7.66
O2 OLA D . 28.28 -0.91 -6.24
C2 OLA D . 29.09 -1.37 -8.48
C3 OLA D . 30.19 -2.44 -8.26
C4 OLA D . 31.52 -1.84 -7.74
C5 OLA D . 32.18 -2.65 -6.62
C6 OLA D . 32.70 -1.79 -5.46
C7 OLA D . 32.84 -2.58 -4.12
C8 OLA D . 32.01 -2.00 -2.97
C9 OLA D . 32.48 -2.53 -1.63
C10 OLA D . 31.82 -3.34 -0.76
C11 OLA D . 30.44 -3.92 -0.88
C12 OLA D . 29.66 -3.81 0.42
C13 OLA D . 28.16 -3.97 0.27
C14 OLA D . 27.36 -2.66 0.35
C15 OLA D . 26.01 -2.77 -0.37
C16 OLA D . 26.09 -2.37 -1.86
C17 OLA D . 24.76 -1.90 -2.46
C18 OLA D . 24.38 -0.47 -2.05
O2 JY E . 4.91 9.70 34.21
C1 JY E . 1.86 7.91 32.60
C2 JY E . 3.25 8.61 32.71
C3 JY E . 3.55 9.28 34.11
C4 JY E . 3.26 8.34 35.31
C5 JY E . 1.91 7.62 35.18
C6 JY E . 0.97 7.61 36.28
C7 JY E . -0.49 7.27 36.09
C8 JY E . -1.28 6.64 37.01
C9 JY E . -0.77 6.13 38.38
C10 JY E . 1.66 6.99 33.81
C11 JY E . -1.61 6.65 39.58
C12 JY E . -3.14 6.36 39.39
C13 JY E . -3.70 6.91 38.02
C14 JY E . -2.79 6.38 36.86
C15 JY E . -3.57 6.90 35.58
C16 JY E . -5.09 6.83 36.01
C17 JY E . -5.04 6.25 37.46
C18 JY E . -3.70 8.49 38.13
C19 JY E . 1.35 5.68 33.67
C20 JY E . -6.45 6.31 38.22
C21 JY E . -6.84 7.75 38.68
C22 JY E . -6.58 5.37 39.47
C23 JY E . -6.23 1.64 38.46
C24 JY E . -7.59 1.24 38.36
C25 JY E . -8.63 2.20 38.62
C26 JY E . -8.29 3.52 38.98
C27 JY E . -6.94 3.93 39.08
C28 JY E . -5.91 2.97 38.82
O1 JY E . -9.93 1.78 38.51
C1 OLA F . -2.04 30.73 -0.09
O1 OLA F . -1.74 30.23 -1.14
O2 OLA F . -3.22 30.39 0.53
C2 OLA F . -1.21 31.75 0.69
C3 OLA F . -0.64 31.21 2.02
C4 OLA F . -1.38 31.75 3.27
C5 OLA F . -2.50 30.84 3.79
C6 OLA F . -2.70 30.93 5.32
C7 OLA F . -3.66 32.08 5.75
C8 OLA F . -5.05 31.63 6.20
C9 OLA F . -6.12 32.11 5.22
C10 OLA F . -6.72 31.43 4.21
C11 OLA F . -6.49 30.00 3.78
C12 OLA F . -6.20 29.89 2.30
C13 OLA F . -6.53 28.52 1.68
C14 OLA F . -5.46 27.45 1.86
C15 OLA F . -5.97 26.25 2.68
C16 OLA F . -5.35 26.17 4.09
C17 OLA F . -4.35 25.02 4.27
C18 OLA F . -2.88 25.49 4.22
C1 OLA G . -12.71 14.12 22.81
O1 OLA G . -13.57 13.34 22.51
O2 OLA G . -11.45 13.69 23.13
C2 OLA G . -12.88 15.65 22.87
C3 OLA G . -12.27 16.40 21.65
C4 OLA G . -10.81 16.85 21.88
C5 OLA G . -10.30 17.92 20.90
C6 OLA G . -8.75 17.99 20.83
C7 OLA G . -8.21 19.36 20.37
C8 OLA G . -7.88 19.45 18.87
C9 OLA G . -8.66 20.58 18.19
C10 OLA G . -8.59 21.00 16.90
C11 OLA G . -7.72 20.49 15.78
C12 OLA G . -8.36 20.64 14.40
C13 OLA G . -8.47 19.33 13.62
C14 OLA G . -7.58 19.22 12.38
C15 OLA G . -6.44 18.21 12.56
C16 OLA G . -5.07 18.88 12.87
C17 OLA G . -4.27 18.21 13.99
C18 OLA G . -4.30 18.98 15.32
#